data_2Z8G
#
_entry.id   2Z8G
#
_cell.length_a   83.672
_cell.length_b   99.387
_cell.length_c   134.987
_cell.angle_alpha   90.00
_cell.angle_beta   90.00
_cell.angle_gamma   90.00
#
_symmetry.space_group_name_H-M   'P 21 21 21'
#
loop_
_entity.id
_entity.type
_entity.pdbx_description
1 polymer Isopullulanase
2 branched alpha-D-glucopyranose-(1-4)-alpha-D-glucopyranose-(1-6)-beta-D-glucopyranose
3 non-polymer 2-acetamido-2-deoxy-beta-D-glucopyranose
4 water water
#
_entity_poly.entity_id   1
_entity_poly.type   'polypeptide(L)'
_entity_poly.pdbx_seq_one_letter_code
;REFMAVTANNSQLLTWWHNTGEINTQTPVADGNVRQSGLYSVKVQTTPASSSLYYDSFVYLAIPGNGMSDQLQYTQGYNQ
TQAWTSFLYSHDATVKISRNGSSANSNVVIRPTSLNFPVRYDNQSVYITVPYSPTGYRFSVEFDDDLISLAPSGARQPEN
ALLIFASPFENSSTKPQPGSPNSIAPAPGRVLGLNTTSASTVVFNPGVYYFTGHDHMVLSSSVTWVYFAPGAYVKGAVEF
LSTASEVKASGHGVLSGEQYVWYADPDEGYQKASGANNNGLRMWRGTLGNSSQTFVLNGVTVSAPPFNSMDWSGNSLDLI
TCRVDDYKQVGAFYGQTDGLEMYPGTILQDVFYHTDDDGLKMYYSNVTARNIVMWKESVAPVVEFGWTPRNTENVLFDNV
DVIHQAYANAGNNPGIFGAVNNYLYAPDGLSSNHSTGNSNMTVRNITWSNFRAEGSSSALFRINPIQNLDNISIKNVSIE
SFEPLSINTTESWMPVWYDLNNGKQITVTDFSIEGFTVGNTTITASNAASVGRIDGVDPAYAGSVHYID
;
_entity_poly.pdbx_strand_id   A,B
#
# COMPACT_ATOMS: atom_id res chain seq x y z
N ARG A 1 -36.96 32.52 -18.44
CA ARG A 1 -36.15 33.42 -17.58
C ARG A 1 -34.70 33.45 -18.05
N GLU A 2 -33.90 34.35 -17.49
CA GLU A 2 -32.50 34.43 -17.90
C GLU A 2 -31.78 33.14 -17.51
N PHE A 3 -30.84 32.73 -18.34
CA PHE A 3 -30.10 31.50 -18.06
C PHE A 3 -29.36 31.60 -16.74
N MET A 4 -29.36 30.50 -16.00
CA MET A 4 -28.67 30.42 -14.72
C MET A 4 -27.97 29.08 -14.66
N ALA A 5 -26.87 29.02 -13.92
CA ALA A 5 -26.14 27.78 -13.81
C ALA A 5 -26.95 26.80 -12.97
N VAL A 6 -26.90 25.53 -13.32
CA VAL A 6 -27.61 24.49 -12.57
C VAL A 6 -26.57 23.50 -12.08
N THR A 7 -26.45 23.37 -10.76
CA THR A 7 -25.46 22.47 -10.17
C THR A 7 -26.07 21.19 -9.62
N ALA A 8 -25.23 20.17 -9.51
CA ALA A 8 -25.67 18.87 -9.00
C ALA A 8 -25.30 18.73 -7.53
N ASN A 9 -26.17 18.07 -6.77
CA ASN A 9 -25.90 17.82 -5.36
C ASN A 9 -26.67 16.56 -4.99
N ASN A 10 -26.17 15.42 -5.44
CA ASN A 10 -26.81 14.14 -5.15
C ASN A 10 -25.75 13.12 -4.74
N SER A 11 -26.19 11.88 -4.54
CA SER A 11 -25.28 10.81 -4.09
C SER A 11 -24.26 10.38 -5.13
N GLN A 12 -24.44 10.81 -6.37
CA GLN A 12 -23.52 10.40 -7.43
C GLN A 12 -22.63 11.52 -7.95
N LEU A 13 -23.07 12.75 -7.79
CA LEU A 13 -22.32 13.89 -8.29
C LEU A 13 -22.56 15.18 -7.51
N LEU A 14 -21.50 15.95 -7.35
CA LEU A 14 -21.59 17.24 -6.67
C LEU A 14 -20.77 18.26 -7.44
N THR A 15 -21.43 19.32 -7.91
CA THR A 15 -20.75 20.40 -8.61
C THR A 15 -21.19 21.67 -7.91
N TRP A 16 -20.49 22.76 -8.18
CA TRP A 16 -20.84 24.03 -7.55
C TRP A 16 -20.60 25.24 -8.43
N TRP A 17 -21.07 26.38 -7.96
CA TRP A 17 -20.97 27.62 -8.69
C TRP A 17 -20.69 28.76 -7.73
N HIS A 18 -20.41 29.93 -8.29
CA HIS A 18 -20.16 31.15 -7.51
C HIS A 18 -20.89 32.27 -8.22
N ASN A 19 -21.82 32.91 -7.54
CA ASN A 19 -22.56 34.00 -8.15
C ASN A 19 -21.73 35.26 -8.31
N THR A 20 -20.57 35.30 -7.69
CA THR A 20 -19.71 36.47 -7.80
C THR A 20 -18.50 36.17 -8.67
N GLY A 21 -18.68 35.28 -9.65
CA GLY A 21 -17.60 34.94 -10.56
C GLY A 21 -17.25 36.19 -11.35
N GLU A 22 -15.96 36.38 -11.62
CA GLU A 22 -15.52 37.55 -12.38
C GLU A 22 -14.60 37.19 -13.54
N ILE A 23 -14.97 37.62 -14.74
CA ILE A 23 -14.15 37.37 -15.92
C ILE A 23 -13.13 38.50 -15.90
N ASN A 24 -11.87 38.16 -15.65
CA ASN A 24 -10.81 39.16 -15.54
C ASN A 24 -9.47 38.47 -15.78
N THR A 25 -8.69 38.98 -16.72
CA THR A 25 -7.39 38.38 -16.98
C THR A 25 -6.23 39.38 -16.85
N GLN A 26 -6.45 40.49 -16.15
CA GLN A 26 -5.37 41.46 -16.01
C GLN A 26 -5.24 42.19 -14.67
N THR A 27 -6.29 42.22 -13.88
CA THR A 27 -6.22 42.90 -12.59
C THR A 27 -6.76 42.04 -11.45
N PRO A 28 -6.58 42.48 -10.20
CA PRO A 28 -7.10 41.65 -9.11
C PRO A 28 -8.62 41.68 -9.17
N VAL A 29 -9.26 40.60 -8.78
CA VAL A 29 -10.73 40.59 -8.78
C VAL A 29 -11.15 41.20 -7.44
N ALA A 30 -12.42 41.56 -7.33
CA ALA A 30 -12.92 42.14 -6.09
C ALA A 30 -12.75 41.15 -4.95
N ASP A 31 -12.63 41.66 -3.73
CA ASP A 31 -12.46 40.82 -2.55
C ASP A 31 -13.44 39.66 -2.48
N GLY A 32 -14.72 39.96 -2.74
CA GLY A 32 -15.74 38.93 -2.67
C GLY A 32 -16.06 38.23 -3.99
N ASN A 33 -15.23 38.48 -5.01
CA ASN A 33 -15.42 37.85 -6.31
C ASN A 33 -14.43 36.70 -6.50
N VAL A 34 -14.72 35.83 -7.47
CA VAL A 34 -13.87 34.68 -7.77
C VAL A 34 -13.48 34.73 -9.24
N ARG A 35 -12.18 34.81 -9.54
CA ARG A 35 -11.75 34.86 -10.93
C ARG A 35 -12.24 33.60 -11.64
N GLN A 36 -12.93 33.80 -12.75
CA GLN A 36 -13.51 32.70 -13.52
C GLN A 36 -12.97 32.63 -14.94
N SER A 37 -12.85 31.43 -15.48
CA SER A 37 -12.35 31.28 -16.84
C SER A 37 -13.37 31.84 -17.82
N GLY A 38 -12.89 32.63 -18.78
CA GLY A 38 -13.78 33.20 -19.77
C GLY A 38 -13.64 32.40 -21.07
N LEU A 39 -12.80 31.38 -21.03
CA LEU A 39 -12.54 30.55 -22.20
C LEU A 39 -13.20 29.18 -22.14
N TYR A 40 -13.17 28.56 -20.96
CA TYR A 40 -13.74 27.23 -20.80
C TYR A 40 -14.98 27.13 -19.93
N SER A 41 -15.96 26.38 -20.44
CA SER A 41 -17.20 26.10 -19.74
C SER A 41 -17.21 24.59 -19.52
N VAL A 42 -17.50 24.15 -18.30
CA VAL A 42 -17.53 22.73 -18.00
C VAL A 42 -18.84 22.30 -17.35
N LYS A 43 -19.42 21.21 -17.85
CA LYS A 43 -20.64 20.66 -17.30
C LYS A 43 -20.38 19.17 -17.10
N VAL A 44 -21.08 18.56 -16.15
CA VAL A 44 -20.87 17.15 -15.85
C VAL A 44 -22.19 16.40 -15.75
N GLN A 45 -22.18 15.18 -16.26
CA GLN A 45 -23.37 14.34 -16.23
C GLN A 45 -23.00 12.90 -15.87
N THR A 46 -23.64 12.37 -14.84
CA THR A 46 -23.39 11.00 -14.42
C THR A 46 -23.85 10.12 -15.56
N THR A 47 -23.06 9.10 -15.91
CA THR A 47 -23.42 8.21 -17.00
C THR A 47 -24.65 7.39 -16.61
N PRO A 48 -25.33 6.80 -17.61
CA PRO A 48 -25.02 6.84 -19.04
C PRO A 48 -25.36 8.18 -19.69
N ALA A 49 -24.61 8.53 -20.73
CA ALA A 49 -24.81 9.78 -21.45
C ALA A 49 -26.21 9.75 -22.08
N SER A 50 -27.00 10.77 -21.79
CA SER A 50 -28.34 10.86 -22.35
C SER A 50 -28.75 12.31 -22.55
N SER A 51 -29.99 12.53 -22.96
CA SER A 51 -30.50 13.88 -23.17
C SER A 51 -30.74 14.52 -21.82
N SER A 52 -30.44 13.76 -20.76
CA SER A 52 -30.61 14.25 -19.40
C SER A 52 -29.82 15.54 -19.23
N LEU A 53 -30.07 16.23 -18.13
CA LEU A 53 -29.40 17.50 -17.86
C LEU A 53 -27.93 17.32 -17.49
N TYR A 54 -27.11 18.28 -17.92
CA TYR A 54 -25.69 18.31 -17.59
C TYR A 54 -25.61 19.39 -16.53
N TYR A 55 -24.76 19.20 -15.53
CA TYR A 55 -24.65 20.19 -14.46
C TYR A 55 -23.40 21.06 -14.56
N ASP A 56 -23.59 22.37 -14.40
CA ASP A 56 -22.50 23.33 -14.47
C ASP A 56 -21.49 23.09 -13.36
N SER A 57 -20.21 23.23 -13.70
CA SER A 57 -19.12 23.06 -12.74
C SER A 57 -18.26 24.31 -12.91
N PHE A 58 -18.15 25.10 -11.85
CA PHE A 58 -17.38 26.35 -11.92
C PHE A 58 -15.93 26.14 -12.34
N VAL A 59 -15.48 26.94 -13.31
CA VAL A 59 -14.10 26.86 -13.76
C VAL A 59 -13.34 28.07 -13.23
N TYR A 60 -12.45 27.83 -12.27
CA TYR A 60 -11.63 28.87 -11.67
C TYR A 60 -10.50 29.22 -12.64
N LEU A 61 -9.88 30.37 -12.43
CA LEU A 61 -8.75 30.78 -13.27
C LEU A 61 -7.67 31.47 -12.45
N ALA A 62 -6.43 31.07 -12.66
CA ALA A 62 -5.29 31.69 -11.98
C ALA A 62 -4.41 32.28 -13.08
N ILE A 63 -3.86 33.45 -12.83
CA ILE A 63 -3.01 34.10 -13.82
C ILE A 63 -1.71 34.54 -13.16
N PRO A 64 -0.62 34.60 -13.95
CA PRO A 64 0.64 35.02 -13.32
C PRO A 64 0.54 36.43 -12.74
N GLY A 65 1.05 36.61 -11.53
CA GLY A 65 0.98 37.91 -10.89
C GLY A 65 -0.33 38.17 -10.18
N ASN A 66 -1.32 37.29 -10.41
CA ASN A 66 -2.62 37.41 -9.77
C ASN A 66 -3.29 38.75 -10.04
N GLY A 67 -2.96 39.38 -11.17
CA GLY A 67 -3.55 40.66 -11.49
C GLY A 67 -2.73 41.85 -11.06
N MET A 68 -1.62 41.60 -10.38
CA MET A 68 -0.74 42.68 -9.92
C MET A 68 0.43 42.75 -10.89
N SER A 69 0.29 43.59 -11.92
CA SER A 69 1.33 43.73 -12.92
C SER A 69 2.75 43.97 -12.42
N ASP A 70 2.90 44.62 -11.27
CA ASP A 70 4.24 44.88 -10.74
C ASP A 70 4.86 43.63 -10.11
N GLN A 71 4.10 42.54 -10.10
CA GLN A 71 4.58 41.27 -9.55
C GLN A 71 5.01 40.31 -10.66
N LEU A 72 4.73 40.67 -11.91
CA LEU A 72 5.09 39.80 -13.03
C LEU A 72 6.58 39.50 -13.11
N GLN A 73 7.41 40.43 -12.62
CA GLN A 73 8.85 40.27 -12.62
C GLN A 73 9.29 39.08 -11.77
N TYR A 74 8.41 38.63 -10.88
CA TYR A 74 8.72 37.51 -10.01
C TYR A 74 8.25 36.17 -10.57
N THR A 75 7.80 36.19 -11.83
CA THR A 75 7.36 34.97 -12.50
C THR A 75 8.38 34.67 -13.59
N GLN A 76 8.15 33.62 -14.36
CA GLN A 76 9.08 33.24 -15.43
C GLN A 76 8.88 34.06 -16.71
N GLY A 77 7.86 34.92 -16.71
CA GLY A 77 7.62 35.77 -17.87
C GLY A 77 6.88 35.18 -19.05
N TYR A 78 6.24 34.03 -18.86
CA TYR A 78 5.48 33.41 -19.95
C TYR A 78 4.07 33.99 -19.92
N ASN A 79 3.25 33.66 -20.92
CA ASN A 79 1.89 34.20 -20.96
C ASN A 79 0.84 33.13 -20.69
N GLN A 80 1.24 32.03 -20.08
CA GLN A 80 0.31 30.95 -19.77
C GLN A 80 -0.61 31.26 -18.60
N THR A 81 -1.85 30.78 -18.68
CA THR A 81 -2.81 30.94 -17.59
C THR A 81 -3.23 29.52 -17.23
N GLN A 82 -3.84 29.35 -16.07
CA GLN A 82 -4.25 28.01 -15.65
C GLN A 82 -5.65 28.01 -15.05
N ALA A 83 -6.58 27.34 -15.73
CA ALA A 83 -7.95 27.23 -15.27
C ALA A 83 -8.16 25.82 -14.74
N TRP A 84 -9.14 25.65 -13.87
CA TRP A 84 -9.41 24.33 -13.31
C TRP A 84 -10.81 24.24 -12.76
N THR A 85 -11.30 23.02 -12.64
CA THR A 85 -12.61 22.78 -12.08
C THR A 85 -12.56 21.50 -11.26
N SER A 86 -13.32 21.46 -10.17
CA SER A 86 -13.38 20.31 -9.29
C SER A 86 -14.82 19.89 -9.10
N PHE A 87 -15.01 18.58 -8.92
CA PHE A 87 -16.34 18.05 -8.64
C PHE A 87 -16.16 16.74 -7.91
N LEU A 88 -17.16 16.35 -7.14
CA LEU A 88 -17.09 15.10 -6.42
C LEU A 88 -17.99 14.12 -7.14
N TYR A 89 -17.60 12.85 -7.13
CA TYR A 89 -18.40 11.83 -7.80
C TYR A 89 -18.23 10.46 -7.15
N SER A 90 -19.18 9.57 -7.42
CA SER A 90 -19.14 8.21 -6.88
C SER A 90 -19.60 7.25 -7.97
N HIS A 91 -19.63 7.76 -9.21
CA HIS A 91 -20.06 6.99 -10.37
C HIS A 91 -19.43 7.61 -11.62
N ASP A 92 -19.20 6.79 -12.64
CA ASP A 92 -18.63 7.28 -13.89
C ASP A 92 -19.40 8.54 -14.30
N ALA A 93 -18.70 9.51 -14.87
CA ALA A 93 -19.35 10.74 -15.30
C ALA A 93 -18.77 11.26 -16.62
N THR A 94 -19.59 11.96 -17.38
CA THR A 94 -19.14 12.53 -18.63
C THR A 94 -18.87 14.01 -18.41
N VAL A 95 -17.67 14.45 -18.74
CA VAL A 95 -17.29 15.84 -18.57
C VAL A 95 -17.39 16.53 -19.93
N LYS A 96 -18.29 17.49 -20.02
CA LYS A 96 -18.53 18.24 -21.25
C LYS A 96 -17.81 19.58 -21.19
N ILE A 97 -16.82 19.75 -22.05
CA ILE A 97 -16.05 21.00 -22.10
C ILE A 97 -16.39 21.79 -23.35
N SER A 98 -16.76 23.05 -23.16
CA SER A 98 -17.13 23.91 -24.28
C SER A 98 -16.31 25.19 -24.30
N ARG A 99 -16.02 25.67 -25.50
CA ARG A 99 -15.31 26.91 -25.71
C ARG A 99 -16.33 27.76 -26.45
N ASN A 100 -16.15 29.08 -26.49
CA ASN A 100 -17.13 29.94 -27.17
C ASN A 100 -17.57 29.43 -28.55
N GLY A 101 -18.69 29.95 -29.03
CA GLY A 101 -19.23 29.54 -30.31
C GLY A 101 -18.36 29.79 -31.54
N SER A 102 -17.41 30.72 -31.41
CA SER A 102 -16.53 31.05 -32.52
C SER A 102 -15.25 30.22 -32.53
N SER A 103 -15.08 29.38 -31.52
CA SER A 103 -13.89 28.52 -31.44
C SER A 103 -14.04 27.38 -32.44
N ALA A 104 -12.98 27.13 -33.20
CA ALA A 104 -12.99 26.06 -34.19
C ALA A 104 -12.79 24.71 -33.52
N ASN A 105 -13.19 23.65 -34.21
CA ASN A 105 -13.04 22.30 -33.69
C ASN A 105 -11.56 21.97 -33.57
N SER A 106 -11.18 21.43 -32.41
CA SER A 106 -9.79 21.06 -32.18
C SER A 106 -9.72 19.81 -31.31
N ASN A 107 -8.85 18.88 -31.71
CA ASN A 107 -8.69 17.65 -30.94
C ASN A 107 -8.01 18.02 -29.62
N VAL A 108 -8.18 17.17 -28.62
CA VAL A 108 -7.55 17.41 -27.33
C VAL A 108 -6.67 16.24 -26.96
N VAL A 109 -5.69 16.52 -26.11
CA VAL A 109 -4.78 15.51 -25.60
C VAL A 109 -4.98 15.59 -24.10
N ILE A 110 -5.20 14.45 -23.46
CA ILE A 110 -5.40 14.41 -22.02
C ILE A 110 -4.11 13.92 -21.38
N ARG A 111 -3.62 14.64 -20.37
CA ARG A 111 -2.40 14.26 -19.67
C ARG A 111 -2.71 14.12 -18.19
N PRO A 112 -2.21 13.03 -17.55
CA PRO A 112 -1.40 11.96 -18.13
C PRO A 112 -2.05 11.20 -19.28
N THR A 113 -1.25 10.91 -20.31
CA THR A 113 -1.77 10.21 -21.47
C THR A 113 -2.09 8.74 -21.19
N SER A 114 -1.61 8.23 -20.05
CA SER A 114 -1.86 6.85 -19.68
C SER A 114 -3.32 6.62 -19.29
N LEU A 115 -4.04 7.69 -18.97
CA LEU A 115 -5.45 7.57 -18.58
C LEU A 115 -6.30 6.95 -19.68
N ASN A 116 -6.11 7.40 -20.92
CA ASN A 116 -6.85 6.86 -22.06
C ASN A 116 -8.37 6.82 -21.88
N PHE A 117 -8.94 7.94 -21.42
CA PHE A 117 -10.39 8.04 -21.23
C PHE A 117 -11.09 8.20 -22.58
N PRO A 118 -12.33 7.69 -22.71
CA PRO A 118 -13.05 7.83 -23.98
C PRO A 118 -13.30 9.31 -24.22
N VAL A 119 -13.07 9.76 -25.44
CA VAL A 119 -13.28 11.16 -25.79
C VAL A 119 -14.06 11.26 -27.10
N ARG A 120 -15.10 12.09 -27.10
CA ARG A 120 -15.89 12.28 -28.30
C ARG A 120 -16.12 13.75 -28.55
N TYR A 121 -16.19 14.12 -29.82
CA TYR A 121 -16.39 15.50 -30.22
C TYR A 121 -17.77 15.63 -30.85
N ASP A 122 -18.50 16.66 -30.45
CA ASP A 122 -19.84 16.88 -30.98
C ASP A 122 -20.37 18.26 -30.58
N ASN A 123 -21.07 18.90 -31.52
CA ASN A 123 -21.64 20.22 -31.29
C ASN A 123 -20.74 21.21 -30.57
N GLN A 124 -19.60 21.52 -31.17
CA GLN A 124 -18.65 22.47 -30.62
C GLN A 124 -18.17 22.16 -29.20
N SER A 125 -18.26 20.90 -28.79
CA SER A 125 -17.83 20.51 -27.45
C SER A 125 -17.01 19.23 -27.43
N VAL A 126 -16.38 18.96 -26.28
CA VAL A 126 -15.56 17.78 -26.08
C VAL A 126 -16.16 17.01 -24.90
N TYR A 127 -16.45 15.73 -25.11
CA TYR A 127 -17.02 14.89 -24.07
C TYR A 127 -16.02 13.85 -23.60
N ILE A 128 -15.62 13.94 -22.32
CA ILE A 128 -14.66 13.00 -21.76
C ILE A 128 -15.35 12.10 -20.75
N THR A 129 -15.26 10.79 -20.95
CA THR A 129 -15.89 9.86 -20.02
C THR A 129 -14.91 9.48 -18.92
N VAL A 130 -15.11 10.08 -17.75
CA VAL A 130 -14.25 9.85 -16.59
C VAL A 130 -14.79 8.72 -15.72
N PRO A 131 -14.04 7.61 -15.62
CA PRO A 131 -14.48 6.48 -14.80
C PRO A 131 -14.32 6.82 -13.33
N TYR A 132 -15.17 6.25 -12.49
CA TYR A 132 -15.05 6.51 -11.06
C TYR A 132 -13.88 5.71 -10.50
N SER A 133 -13.08 6.37 -9.68
CA SER A 133 -11.96 5.73 -9.01
C SER A 133 -12.00 6.29 -7.60
N PRO A 134 -11.88 5.42 -6.58
CA PRO A 134 -11.92 5.88 -5.20
C PRO A 134 -10.88 6.92 -4.83
N THR A 135 -9.84 7.05 -5.65
CA THR A 135 -8.81 8.04 -5.38
C THR A 135 -8.92 9.20 -6.37
N GLY A 136 -9.94 9.15 -7.21
CA GLY A 136 -10.18 10.20 -8.18
C GLY A 136 -9.10 10.38 -9.23
N TYR A 137 -9.21 11.46 -10.00
CA TYR A 137 -8.25 11.78 -11.03
C TYR A 137 -7.98 13.27 -11.11
N ARG A 138 -6.77 13.61 -11.54
CA ARG A 138 -6.36 15.01 -11.70
C ARG A 138 -5.69 15.02 -13.06
N PHE A 139 -6.29 15.69 -14.04
CA PHE A 139 -5.71 15.70 -15.36
C PHE A 139 -5.83 17.01 -16.12
N SER A 140 -5.05 17.12 -17.19
CA SER A 140 -5.01 18.31 -18.03
C SER A 140 -5.64 18.03 -19.39
N VAL A 141 -6.52 18.93 -19.83
CA VAL A 141 -7.17 18.80 -21.13
C VAL A 141 -6.50 19.84 -22.01
N GLU A 142 -5.77 19.38 -23.01
CA GLU A 142 -5.00 20.29 -23.87
C GLU A 142 -5.50 20.34 -25.31
N PHE A 143 -5.99 21.50 -25.71
CA PHE A 143 -6.47 21.69 -27.07
C PHE A 143 -5.31 21.92 -28.01
N ASP A 144 -5.24 21.13 -29.08
CA ASP A 144 -4.17 21.24 -30.05
C ASP A 144 -3.99 22.66 -30.57
N ASP A 145 -5.09 23.35 -30.87
CA ASP A 145 -4.97 24.71 -31.39
C ASP A 145 -4.67 25.77 -30.33
N ASP A 146 -4.46 25.35 -29.09
CA ASP A 146 -4.13 26.27 -28.01
C ASP A 146 -2.67 26.09 -27.57
N LEU A 147 -1.99 25.13 -28.21
CA LEU A 147 -0.59 24.88 -27.87
C LEU A 147 0.33 25.98 -28.36
N ILE A 148 1.34 26.31 -27.55
CA ILE A 148 2.32 27.32 -27.91
C ILE A 148 3.70 26.74 -27.59
N SER A 149 4.74 27.34 -28.16
CA SER A 149 6.10 26.89 -27.91
C SER A 149 6.74 27.79 -26.87
N LEU A 150 7.27 27.20 -25.81
CA LEU A 150 7.91 27.98 -24.76
C LEU A 150 9.43 28.06 -24.97
N ALA A 151 9.92 29.26 -25.25
CA ALA A 151 11.34 29.47 -25.47
C ALA A 151 12.08 29.48 -24.12
N PRO A 152 13.32 29.00 -24.08
CA PRO A 152 14.10 28.44 -25.20
C PRO A 152 14.03 26.92 -25.35
N SER A 153 13.27 26.25 -24.48
CA SER A 153 13.17 24.79 -24.56
C SER A 153 12.40 24.34 -25.79
N GLY A 154 11.41 25.15 -26.20
CA GLY A 154 10.60 24.79 -27.34
C GLY A 154 9.47 23.87 -26.93
N ALA A 155 9.28 23.70 -25.63
CA ALA A 155 8.23 22.83 -25.10
C ALA A 155 6.85 23.25 -25.63
N ARG A 156 6.07 22.27 -26.07
CA ARG A 156 4.73 22.53 -26.58
C ARG A 156 3.73 22.37 -25.46
N GLN A 157 3.11 23.47 -25.06
CA GLN A 157 2.16 23.45 -23.95
C GLN A 157 0.96 24.37 -24.16
N PRO A 158 -0.16 24.08 -23.47
CA PRO A 158 -1.35 24.92 -23.60
C PRO A 158 -1.03 26.35 -23.17
N GLU A 159 -1.53 27.33 -23.90
CA GLU A 159 -1.31 28.71 -23.50
C GLU A 159 -2.29 28.94 -22.35
N ASN A 160 -3.44 28.29 -22.46
CA ASN A 160 -4.50 28.40 -21.47
C ASN A 160 -4.86 27.01 -20.99
N ALA A 161 -4.22 26.59 -19.90
CA ALA A 161 -4.45 25.26 -19.36
C ALA A 161 -5.83 25.09 -18.74
N LEU A 162 -6.32 23.86 -18.77
CA LEU A 162 -7.59 23.51 -18.16
C LEU A 162 -7.38 22.20 -17.42
N LEU A 163 -7.48 22.24 -16.09
CA LEU A 163 -7.30 21.06 -15.26
C LEU A 163 -8.62 20.58 -14.71
N ILE A 164 -8.80 19.26 -14.67
CA ILE A 164 -10.03 18.66 -14.14
C ILE A 164 -9.68 17.81 -12.92
N PHE A 165 -10.29 18.14 -11.79
CA PHE A 165 -10.05 17.41 -10.54
C PHE A 165 -11.32 16.67 -10.11
N ALA A 166 -11.41 15.40 -10.49
CA ALA A 166 -12.57 14.57 -10.12
C ALA A 166 -12.20 13.82 -8.86
N SER A 167 -12.91 14.08 -7.77
CA SER A 167 -12.61 13.46 -6.49
C SER A 167 -13.76 12.69 -5.88
N PRO A 168 -13.44 11.75 -4.98
CA PRO A 168 -14.46 10.94 -4.31
C PRO A 168 -15.18 11.77 -3.25
N PHE A 169 -16.35 11.31 -2.82
CA PHE A 169 -17.10 12.02 -1.79
C PHE A 169 -16.31 12.04 -0.47
N GLU A 170 -16.65 13.00 0.38
CA GLU A 170 -15.98 13.18 1.67
C GLU A 170 -16.62 12.36 2.79
N ASN A 171 -15.80 11.55 3.48
CA ASN A 171 -16.32 10.74 4.59
C ASN A 171 -16.35 11.54 5.89
N SER A 172 -16.76 10.90 6.99
CA SER A 172 -16.86 11.59 8.27
C SER A 172 -15.52 12.05 8.82
N SER A 173 -14.42 11.58 8.23
CA SER A 173 -13.10 11.99 8.71
C SER A 173 -12.59 13.24 8.02
N THR A 174 -13.18 13.57 6.87
CA THR A 174 -12.75 14.76 6.15
C THR A 174 -13.85 15.82 6.05
N LYS A 175 -15.06 15.47 6.46
CA LYS A 175 -16.17 16.43 6.42
C LYS A 175 -16.87 16.47 7.78
N PRO A 176 -16.91 17.66 8.41
CA PRO A 176 -17.56 17.81 9.71
C PRO A 176 -19.05 17.50 9.58
N GLN A 177 -19.56 16.65 10.47
CA GLN A 177 -20.96 16.27 10.45
C GLN A 177 -21.84 17.44 10.89
N PRO A 178 -23.16 17.32 10.72
CA PRO A 178 -24.07 18.41 11.11
C PRO A 178 -23.94 18.86 12.57
N GLY A 179 -23.86 20.17 12.77
CA GLY A 179 -23.74 20.72 14.10
C GLY A 179 -22.60 20.14 14.91
N SER A 180 -21.44 19.97 14.26
CA SER A 180 -20.26 19.41 14.90
C SER A 180 -19.99 20.09 16.24
N PRO A 181 -19.39 19.37 17.19
CA PRO A 181 -19.08 19.91 18.52
C PRO A 181 -18.00 20.99 18.53
N ASN A 182 -18.27 22.08 19.24
CA ASN A 182 -17.34 23.20 19.37
C ASN A 182 -16.78 23.64 18.03
N SER A 183 -17.68 23.88 17.08
CA SER A 183 -17.28 24.32 15.75
C SER A 183 -17.77 25.74 15.50
N ILE A 184 -17.11 26.43 14.58
CA ILE A 184 -17.50 27.79 14.22
C ILE A 184 -17.52 27.87 12.70
N ALA A 185 -18.55 28.50 12.16
CA ALA A 185 -18.70 28.62 10.72
C ALA A 185 -18.79 30.09 10.32
N PRO A 186 -17.66 30.70 9.97
CA PRO A 186 -17.65 32.11 9.59
C PRO A 186 -18.53 32.47 8.40
N ALA A 187 -19.12 33.67 8.46
CA ALA A 187 -19.97 34.14 7.38
C ALA A 187 -19.07 34.56 6.23
N PRO A 188 -19.61 34.64 5.01
CA PRO A 188 -18.81 35.05 3.86
C PRO A 188 -18.26 36.47 4.03
N GLY A 189 -17.15 36.76 3.38
CA GLY A 189 -16.55 38.08 3.47
C GLY A 189 -15.24 38.06 4.24
N ARG A 190 -14.91 39.17 4.89
CA ARG A 190 -13.69 39.27 5.67
C ARG A 190 -13.81 38.34 6.89
N VAL A 191 -12.82 37.47 7.09
CA VAL A 191 -12.85 36.54 8.20
C VAL A 191 -11.97 37.05 9.35
N LEU A 192 -12.58 37.25 10.52
CA LEU A 192 -11.85 37.75 11.66
C LEU A 192 -12.08 36.96 12.94
N GLY A 193 -11.09 37.00 13.82
CA GLY A 193 -11.19 36.33 15.11
C GLY A 193 -10.74 34.89 15.24
N LEU A 194 -10.39 34.23 14.14
CA LEU A 194 -9.99 32.83 14.24
C LEU A 194 -8.71 32.60 15.02
N ASN A 195 -7.87 33.62 15.13
CA ASN A 195 -6.63 33.46 15.87
C ASN A 195 -6.84 33.44 17.40
N THR A 196 -8.04 33.77 17.84
CA THR A 196 -8.35 33.76 19.28
C THR A 196 -9.62 32.97 19.62
N THR A 197 -10.19 32.28 18.63
CA THR A 197 -11.41 31.51 18.87
C THR A 197 -11.16 30.35 19.83
N SER A 198 -12.21 29.91 20.52
CA SER A 198 -12.08 28.79 21.45
C SER A 198 -12.57 27.52 20.74
N ALA A 199 -13.02 27.70 19.49
CA ALA A 199 -13.52 26.59 18.69
C ALA A 199 -12.43 25.57 18.37
N SER A 200 -12.84 24.32 18.13
CA SER A 200 -11.92 23.25 17.80
C SER A 200 -11.92 23.01 16.28
N THR A 201 -13.05 23.32 15.66
CA THR A 201 -13.22 23.11 14.23
C THR A 201 -13.73 24.36 13.54
N VAL A 202 -13.08 24.73 12.44
CA VAL A 202 -13.49 25.90 11.66
C VAL A 202 -14.09 25.39 10.36
N VAL A 203 -15.34 25.76 10.09
CA VAL A 203 -16.03 25.30 8.90
C VAL A 203 -16.34 26.41 7.90
N PHE A 204 -15.81 26.28 6.69
CA PHE A 204 -16.06 27.25 5.63
C PHE A 204 -17.06 26.63 4.67
N ASN A 205 -18.32 27.02 4.79
CA ASN A 205 -19.35 26.51 3.91
C ASN A 205 -19.29 27.24 2.56
N PRO A 206 -20.03 26.77 1.56
CA PRO A 206 -20.00 27.42 0.24
C PRO A 206 -20.09 28.94 0.34
N GLY A 207 -19.21 29.60 -0.41
CA GLY A 207 -19.18 31.06 -0.40
C GLY A 207 -17.76 31.56 -0.59
N VAL A 208 -17.59 32.87 -0.56
CA VAL A 208 -16.29 33.49 -0.76
C VAL A 208 -15.83 34.15 0.53
N TYR A 209 -14.60 33.85 0.92
CA TYR A 209 -14.02 34.40 2.14
C TYR A 209 -12.66 34.96 1.84
N TYR A 210 -12.27 35.98 2.58
CA TYR A 210 -10.98 36.56 2.36
C TYR A 210 -10.42 37.19 3.60
N PHE A 211 -9.12 37.18 3.69
CA PHE A 211 -8.48 37.83 4.79
C PHE A 211 -8.18 39.11 4.04
N THR A 212 -6.97 39.27 3.52
CA THR A 212 -6.60 40.43 2.71
C THR A 212 -5.18 40.06 2.43
N GLY A 213 -4.46 40.93 1.74
CA GLY A 213 -3.07 40.66 1.47
C GLY A 213 -2.22 41.08 2.66
N HIS A 214 -2.85 41.55 3.72
CA HIS A 214 -2.12 42.00 4.92
C HIS A 214 -2.55 41.32 6.22
N ASP A 215 -2.98 40.06 6.12
CA ASP A 215 -3.41 39.27 7.26
C ASP A 215 -3.56 37.85 6.71
N HIS A 216 -3.55 36.84 7.59
CA HIS A 216 -3.74 35.48 7.11
C HIS A 216 -4.50 34.67 8.14
N MET A 217 -4.83 33.42 7.81
CA MET A 217 -5.60 32.59 8.72
C MET A 217 -4.81 31.94 9.83
N VAL A 218 -4.48 32.74 10.84
CA VAL A 218 -3.78 32.22 12.01
C VAL A 218 -4.89 31.56 12.82
N LEU A 219 -4.77 30.28 13.07
CA LEU A 219 -5.79 29.55 13.82
C LEU A 219 -5.35 29.38 15.27
N SER A 220 -6.23 29.71 16.21
CA SER A 220 -5.92 29.62 17.63
C SER A 220 -5.42 28.23 18.03
N SER A 221 -4.77 28.15 19.19
CA SER A 221 -4.22 26.89 19.66
C SER A 221 -5.28 25.81 19.89
N SER A 222 -6.55 26.17 19.92
CA SER A 222 -7.61 25.19 20.13
C SER A 222 -8.13 24.59 18.82
N VAL A 223 -7.81 25.23 17.70
CA VAL A 223 -8.26 24.74 16.40
C VAL A 223 -7.41 23.58 15.89
N THR A 224 -8.04 22.42 15.70
CA THR A 224 -7.34 21.24 15.21
C THR A 224 -7.90 20.77 13.87
N TRP A 225 -8.90 21.49 13.37
CA TRP A 225 -9.50 21.12 12.10
C TRP A 225 -10.10 22.31 11.36
N VAL A 226 -9.63 22.54 10.14
CA VAL A 226 -10.18 23.60 9.33
C VAL A 226 -10.71 22.89 8.09
N TYR A 227 -11.96 23.17 7.77
CA TYR A 227 -12.63 22.52 6.66
C TYR A 227 -13.04 23.49 5.56
N PHE A 228 -12.67 23.16 4.32
CA PHE A 228 -13.00 23.98 3.16
C PHE A 228 -14.03 23.20 2.34
N ALA A 229 -15.30 23.53 2.52
CA ALA A 229 -16.35 22.82 1.81
C ALA A 229 -16.26 22.96 0.30
N PRO A 230 -16.79 21.98 -0.43
CA PRO A 230 -16.76 22.08 -1.89
C PRO A 230 -17.63 23.32 -2.13
N GLY A 231 -17.16 24.26 -2.93
CA GLY A 231 -17.95 25.47 -3.15
C GLY A 231 -17.45 26.64 -2.32
N ALA A 232 -16.54 26.38 -1.40
CA ALA A 232 -15.99 27.45 -0.60
C ALA A 232 -14.70 27.91 -1.27
N TYR A 233 -14.49 29.23 -1.33
CA TYR A 233 -13.30 29.79 -1.93
C TYR A 233 -12.74 30.77 -0.90
N VAL A 234 -11.60 30.41 -0.33
CA VAL A 234 -10.97 31.23 0.71
C VAL A 234 -9.65 31.85 0.28
N LYS A 235 -9.61 33.18 0.29
CA LYS A 235 -8.38 33.88 -0.07
C LYS A 235 -7.63 34.07 1.25
N GLY A 236 -6.51 33.37 1.39
CA GLY A 236 -5.72 33.46 2.60
C GLY A 236 -4.62 32.40 2.63
N ALA A 237 -4.08 32.17 3.82
CA ALA A 237 -3.01 31.20 4.04
C ALA A 237 -3.22 30.68 5.45
N VAL A 238 -2.98 29.39 5.66
CA VAL A 238 -3.21 28.76 6.96
C VAL A 238 -2.01 28.56 7.87
N GLU A 239 -2.17 28.90 9.14
CA GLU A 239 -1.13 28.69 10.13
C GLU A 239 -1.75 28.19 11.43
N PHE A 240 -1.45 26.94 11.77
CA PHE A 240 -1.98 26.35 13.01
C PHE A 240 -1.09 26.73 14.18
N LEU A 241 -1.70 27.08 15.31
CA LEU A 241 -0.94 27.39 16.52
C LEU A 241 -1.04 26.18 17.44
N SER A 242 -1.97 25.28 17.13
CA SER A 242 -2.16 24.08 17.92
C SER A 242 -0.96 23.15 17.90
N THR A 243 -0.59 22.66 19.08
CA THR A 243 0.53 21.73 19.20
C THR A 243 -0.03 20.33 19.49
N ALA A 244 -1.33 20.15 19.25
CA ALA A 244 -2.01 18.88 19.50
C ALA A 244 -1.51 17.72 18.63
N SER A 245 -1.95 16.51 18.95
CA SER A 245 -1.55 15.30 18.25
C SER A 245 -1.92 15.29 16.77
N GLU A 246 -2.92 16.08 16.39
CA GLU A 246 -3.32 16.16 14.99
C GLU A 246 -3.92 17.52 14.65
N VAL A 247 -3.50 18.06 13.52
CA VAL A 247 -4.07 19.30 12.99
C VAL A 247 -4.47 18.85 11.60
N LYS A 248 -5.68 19.24 11.19
CA LYS A 248 -6.20 18.81 9.91
C LYS A 248 -6.84 19.90 9.08
N ALA A 249 -6.61 19.81 7.77
CA ALA A 249 -7.17 20.73 6.79
C ALA A 249 -7.79 19.79 5.75
N SER A 250 -9.10 19.87 5.57
CA SER A 250 -9.76 18.99 4.61
C SER A 250 -10.88 19.68 3.86
N GLY A 251 -11.51 18.95 2.93
CA GLY A 251 -12.58 19.53 2.15
C GLY A 251 -12.06 19.82 0.76
N HIS A 252 -12.96 19.91 -0.20
CA HIS A 252 -12.54 20.16 -1.58
C HIS A 252 -12.68 21.60 -2.06
N GLY A 253 -12.74 22.53 -1.11
CA GLY A 253 -12.81 23.93 -1.45
C GLY A 253 -11.43 24.42 -1.84
N VAL A 254 -11.30 25.73 -2.03
CA VAL A 254 -10.03 26.31 -2.44
C VAL A 254 -9.44 27.28 -1.43
N LEU A 255 -8.11 27.23 -1.28
CA LEU A 255 -7.37 28.15 -0.41
C LEU A 255 -6.43 28.85 -1.39
N SER A 256 -6.66 30.14 -1.62
CA SER A 256 -5.88 30.91 -2.58
C SER A 256 -5.04 32.04 -1.98
N GLY A 257 -3.76 32.09 -2.35
CA GLY A 257 -2.91 33.14 -1.83
C GLY A 257 -2.77 34.30 -2.80
N GLU A 258 -3.75 34.46 -3.69
CA GLU A 258 -3.74 35.51 -4.71
C GLU A 258 -3.65 36.94 -4.22
N GLN A 259 -4.03 37.21 -2.98
CA GLN A 259 -3.97 38.57 -2.46
C GLN A 259 -2.60 38.98 -1.92
N TYR A 260 -1.71 38.01 -1.74
CA TYR A 260 -0.37 38.28 -1.21
C TYR A 260 0.66 38.51 -2.30
N VAL A 261 1.52 39.51 -2.11
CA VAL A 261 2.57 39.76 -3.09
C VAL A 261 3.56 38.64 -2.94
N TRP A 262 4.41 38.43 -3.95
CA TRP A 262 5.40 37.38 -3.89
C TRP A 262 6.30 37.59 -2.67
N TYR A 263 6.62 36.49 -1.98
CA TYR A 263 7.50 36.56 -0.81
C TYR A 263 6.94 37.44 0.31
N ALA A 264 5.62 37.56 0.38
CA ALA A 264 5.00 38.39 1.43
C ALA A 264 5.52 37.96 2.80
N ASP A 265 6.00 38.93 3.58
CA ASP A 265 6.53 38.65 4.92
C ASP A 265 5.49 39.01 5.97
N PRO A 266 4.91 38.01 6.63
CA PRO A 266 3.89 38.21 7.67
C PRO A 266 4.36 39.01 8.88
N ASP A 267 5.67 39.09 9.06
CA ASP A 267 6.22 39.84 10.20
C ASP A 267 6.64 41.24 9.82
N GLU A 268 6.47 41.60 8.55
CA GLU A 268 6.81 42.94 8.09
C GLU A 268 5.66 43.54 7.28
N GLY A 269 4.46 43.47 7.84
CA GLY A 269 3.29 44.03 7.17
C GLY A 269 2.89 43.35 5.87
N TYR A 270 3.40 42.15 5.64
CA TYR A 270 3.11 41.37 4.44
C TYR A 270 3.65 41.99 3.17
N GLN A 271 4.67 42.83 3.33
CA GLN A 271 5.33 43.43 2.18
C GLN A 271 6.33 42.38 1.75
N LYS A 272 6.90 42.54 0.56
CA LYS A 272 7.88 41.58 0.08
C LYS A 272 9.03 41.51 1.08
N ALA A 273 9.43 40.28 1.44
CA ALA A 273 10.51 40.10 2.40
C ALA A 273 11.80 40.73 1.92
N SER A 274 12.55 41.30 2.85
CA SER A 274 13.83 41.94 2.54
C SER A 274 14.96 40.92 2.50
N GLY A 275 15.86 41.08 1.55
CA GLY A 275 17.01 40.20 1.43
C GLY A 275 16.78 38.70 1.50
N ALA A 276 15.89 38.18 0.66
CA ALA A 276 15.61 36.75 0.61
C ALA A 276 15.75 36.07 1.96
N ASN A 277 15.15 36.67 2.99
CA ASN A 277 15.23 36.14 4.35
C ASN A 277 14.48 34.84 4.63
N ASN A 278 13.87 34.26 3.60
CA ASN A 278 13.12 33.01 3.73
C ASN A 278 11.88 33.09 4.61
N ASN A 279 11.38 34.29 4.88
CA ASN A 279 10.19 34.39 5.71
C ASN A 279 8.92 34.67 4.93
N GLY A 280 8.91 34.26 3.66
CA GLY A 280 7.73 34.45 2.84
C GLY A 280 6.60 33.62 3.43
N LEU A 281 5.37 34.08 3.27
CA LEU A 281 4.20 33.40 3.82
C LEU A 281 3.93 32.03 3.17
N ARG A 282 3.86 31.00 4.01
CA ARG A 282 3.55 29.64 3.54
C ARG A 282 2.04 29.48 3.48
N MET A 283 1.57 28.61 2.60
CA MET A 283 0.13 28.37 2.51
C MET A 283 -0.29 27.46 3.66
N TRP A 284 0.63 26.60 4.10
CA TRP A 284 0.38 25.69 5.23
C TRP A 284 1.55 25.83 6.19
N ARG A 285 1.26 26.18 7.43
CA ARG A 285 2.28 26.35 8.46
C ARG A 285 1.75 25.86 9.79
N GLY A 286 2.62 25.23 10.58
CA GLY A 286 2.23 24.76 11.89
C GLY A 286 3.41 24.95 12.82
N THR A 287 3.19 24.77 14.11
CA THR A 287 4.28 24.90 15.07
C THR A 287 4.20 23.77 16.09
N LEU A 288 5.34 23.13 16.32
CA LEU A 288 5.40 22.01 17.23
C LEU A 288 5.66 22.41 18.67
N GLY A 289 5.26 21.53 19.57
CA GLY A 289 5.47 21.73 20.99
C GLY A 289 6.54 20.71 21.33
N ASN A 290 6.30 19.88 22.34
CA ASN A 290 7.27 18.88 22.71
C ASN A 290 6.73 17.47 22.47
N SER A 291 5.66 17.38 21.69
CA SER A 291 5.04 16.10 21.40
C SER A 291 4.76 15.93 19.91
N SER A 292 4.63 14.68 19.46
CA SER A 292 4.37 14.37 18.07
C SER A 292 3.07 14.96 17.55
N GLN A 293 3.08 15.34 16.28
CA GLN A 293 1.90 15.91 15.64
C GLN A 293 1.78 15.36 14.22
N THR A 294 0.54 15.11 13.80
CA THR A 294 0.29 14.62 12.44
C THR A 294 -0.51 15.70 11.72
N PHE A 295 -0.05 16.07 10.53
CA PHE A 295 -0.76 17.05 9.71
C PHE A 295 -1.51 16.26 8.65
N VAL A 296 -2.85 16.28 8.75
CA VAL A 296 -3.69 15.60 7.77
C VAL A 296 -4.17 16.66 6.80
N LEU A 297 -3.85 16.47 5.52
CA LEU A 297 -4.24 17.40 4.46
C LEU A 297 -4.97 16.55 3.44
N ASN A 298 -6.26 16.83 3.25
CA ASN A 298 -7.06 16.00 2.35
C ASN A 298 -8.06 16.79 1.50
N GLY A 299 -8.00 16.59 0.19
CA GLY A 299 -8.94 17.21 -0.72
C GLY A 299 -8.78 18.64 -1.21
N VAL A 300 -8.20 19.48 -0.38
CA VAL A 300 -8.04 20.89 -0.68
C VAL A 300 -7.26 21.24 -1.94
N THR A 301 -7.67 22.34 -2.56
CA THR A 301 -6.98 22.88 -3.72
C THR A 301 -6.35 24.19 -3.25
N VAL A 302 -5.03 24.28 -3.36
CA VAL A 302 -4.31 25.50 -3.02
C VAL A 302 -3.98 26.17 -4.34
N SER A 303 -4.25 27.47 -4.45
CA SER A 303 -3.94 28.18 -5.67
C SER A 303 -3.12 29.42 -5.35
N ALA A 304 -2.27 29.81 -6.29
CA ALA A 304 -1.45 31.00 -6.18
C ALA A 304 -0.65 31.20 -4.89
N PRO A 305 0.25 30.27 -4.56
CA PRO A 305 1.04 30.44 -3.34
C PRO A 305 2.05 31.58 -3.54
N PRO A 306 2.22 32.46 -2.54
CA PRO A 306 3.18 33.56 -2.69
C PRO A 306 4.63 33.16 -2.44
N PHE A 307 4.82 31.96 -1.88
CA PHE A 307 6.17 31.48 -1.59
C PHE A 307 6.13 29.95 -1.48
N ASN A 308 7.02 29.36 -0.69
CA ASN A 308 7.03 27.90 -0.50
C ASN A 308 5.62 27.53 -0.03
N SER A 309 5.09 26.40 -0.49
CA SER A 309 3.74 26.05 -0.08
C SER A 309 3.61 25.66 1.39
N MET A 310 4.65 25.02 1.95
CA MET A 310 4.54 24.57 3.33
C MET A 310 5.83 24.32 4.11
N ASP A 311 5.78 24.62 5.41
CA ASP A 311 6.89 24.41 6.33
C ASP A 311 6.35 24.51 7.76
N TRP A 312 6.81 23.63 8.63
CA TRP A 312 6.43 23.65 10.04
C TRP A 312 7.54 24.34 10.82
N SER A 313 7.19 24.96 11.95
CA SER A 313 8.16 25.64 12.81
C SER A 313 8.48 24.71 13.96
N GLY A 314 9.75 24.61 14.32
CA GLY A 314 10.14 23.74 15.41
C GLY A 314 11.62 23.41 15.42
N ASN A 315 12.11 22.96 16.57
CA ASN A 315 13.51 22.59 16.71
C ASN A 315 13.79 21.17 16.23
N SER A 316 12.78 20.30 16.35
CA SER A 316 12.92 18.92 15.91
C SER A 316 11.76 18.54 14.99
N LEU A 317 12.00 18.56 13.69
CA LEU A 317 10.97 18.24 12.72
C LEU A 317 10.70 16.74 12.62
N ASP A 318 11.33 15.96 13.49
CA ASP A 318 11.09 14.52 13.49
C ASP A 318 9.81 14.26 14.26
N LEU A 319 9.27 15.31 14.89
CA LEU A 319 8.04 15.18 15.67
C LEU A 319 6.80 15.40 14.80
N ILE A 320 7.00 15.81 13.55
CA ILE A 320 5.88 16.03 12.67
C ILE A 320 5.85 15.01 11.53
N THR A 321 4.66 14.60 11.15
CA THR A 321 4.51 13.66 10.03
C THR A 321 3.26 14.11 9.27
N CYS A 322 3.19 13.78 7.99
CA CYS A 322 2.07 14.20 7.17
C CYS A 322 1.28 13.05 6.54
N ARG A 323 -0.03 13.27 6.38
CA ARG A 323 -0.92 12.29 5.73
C ARG A 323 -1.67 13.15 4.71
N VAL A 324 -1.21 13.10 3.47
CA VAL A 324 -1.76 13.90 2.40
C VAL A 324 -2.44 13.07 1.30
N ASP A 325 -3.65 13.47 0.93
CA ASP A 325 -4.41 12.76 -0.09
C ASP A 325 -5.29 13.68 -0.91
N ASP A 326 -5.44 13.41 -2.20
CA ASP A 326 -6.38 14.14 -3.04
C ASP A 326 -6.21 15.66 -2.88
N TYR A 327 -4.97 16.11 -3.03
CA TYR A 327 -4.61 17.51 -2.84
C TYR A 327 -4.00 18.09 -4.11
N LYS A 328 -4.28 19.36 -4.37
CA LYS A 328 -3.76 20.01 -5.56
C LYS A 328 -3.17 21.40 -5.31
N GLN A 329 -2.13 21.73 -6.08
CA GLN A 329 -1.51 23.06 -6.03
C GLN A 329 -1.57 23.57 -7.47
N VAL A 330 -2.28 24.65 -7.69
CA VAL A 330 -2.43 25.24 -9.02
C VAL A 330 -2.07 26.73 -9.05
N GLY A 331 -1.89 27.26 -10.26
CA GLY A 331 -1.59 28.67 -10.43
C GLY A 331 -0.34 29.18 -9.73
N ALA A 332 0.66 28.32 -9.61
CA ALA A 332 1.90 28.68 -8.92
C ALA A 332 2.92 29.26 -9.88
N PHE A 333 2.59 30.42 -10.46
CA PHE A 333 3.49 31.04 -11.42
C PHE A 333 4.70 31.74 -10.82
N TYR A 334 4.68 32.00 -9.52
CA TYR A 334 5.83 32.67 -8.89
C TYR A 334 6.97 31.70 -8.65
N GLY A 335 8.18 32.23 -8.50
CA GLY A 335 9.30 31.36 -8.22
C GLY A 335 9.24 30.92 -6.77
N GLN A 336 10.04 29.92 -6.42
CA GLN A 336 10.13 29.39 -5.06
C GLN A 336 8.78 28.94 -4.49
N THR A 337 7.96 28.36 -5.36
CA THR A 337 6.65 27.85 -4.97
C THR A 337 6.74 26.33 -4.78
N ASP A 338 7.63 25.92 -3.87
CA ASP A 338 7.88 24.50 -3.57
C ASP A 338 6.66 23.67 -3.22
N GLY A 339 6.77 22.36 -3.43
CA GLY A 339 5.71 21.45 -3.06
C GLY A 339 5.78 21.30 -1.56
N LEU A 340 4.93 20.45 -0.99
CA LEU A 340 4.89 20.24 0.45
C LEU A 340 6.14 19.59 1.04
N GLU A 341 6.31 19.74 2.35
CA GLU A 341 7.42 19.08 3.02
C GLU A 341 6.82 17.72 3.36
N MET A 342 7.61 16.67 3.22
CA MET A 342 7.13 15.33 3.56
C MET A 342 8.02 14.90 4.71
N TYR A 343 7.57 15.25 5.92
CA TYR A 343 8.30 14.94 7.14
C TYR A 343 8.34 13.43 7.39
N PRO A 344 9.23 12.97 8.29
CA PRO A 344 9.35 11.54 8.57
C PRO A 344 8.04 10.77 8.72
N GLY A 345 7.95 9.63 8.04
CA GLY A 345 6.76 8.80 8.12
C GLY A 345 5.62 9.21 7.22
N THR A 346 5.80 10.30 6.48
CA THR A 346 4.73 10.79 5.61
C THR A 346 4.24 9.82 4.55
N ILE A 347 2.93 9.88 4.31
CA ILE A 347 2.29 9.11 3.25
C ILE A 347 1.56 10.20 2.46
N LEU A 348 1.98 10.41 1.22
CA LEU A 348 1.35 11.42 0.36
C LEU A 348 0.93 10.72 -0.93
N GLN A 349 -0.31 10.91 -1.35
CA GLN A 349 -0.77 10.25 -2.56
C GLN A 349 -1.93 10.93 -3.26
N ASP A 350 -2.01 10.69 -4.57
CA ASP A 350 -3.07 11.27 -5.41
C ASP A 350 -3.04 12.79 -5.32
N VAL A 351 -1.93 13.35 -5.76
CA VAL A 351 -1.70 14.78 -5.71
C VAL A 351 -1.34 15.38 -7.07
N PHE A 352 -1.73 16.64 -7.26
CA PHE A 352 -1.39 17.36 -8.48
C PHE A 352 -0.56 18.56 -8.05
N TYR A 353 0.60 18.73 -8.70
CA TYR A 353 1.49 19.85 -8.38
C TYR A 353 1.88 20.69 -9.59
N HIS A 354 1.60 21.99 -9.52
CA HIS A 354 2.04 22.94 -10.54
C HIS A 354 3.06 23.67 -9.67
N THR A 355 4.32 23.66 -10.06
CA THR A 355 5.36 24.30 -9.25
C THR A 355 6.53 24.86 -10.05
N ASP A 356 7.08 25.97 -9.55
CA ASP A 356 8.21 26.60 -10.22
C ASP A 356 9.48 26.49 -9.38
N ASP A 357 9.55 25.47 -8.52
CA ASP A 357 10.75 25.24 -7.72
C ASP A 357 10.74 23.79 -7.23
N ASP A 358 11.53 23.47 -6.22
CA ASP A 358 11.62 22.10 -5.72
C ASP A 358 10.26 21.42 -5.59
N GLY A 359 10.08 20.32 -6.32
CA GLY A 359 8.80 19.63 -6.33
C GLY A 359 8.60 18.61 -5.22
N LEU A 360 9.21 17.45 -5.37
CA LEU A 360 9.15 16.39 -4.37
C LEU A 360 10.45 16.52 -3.58
N LYS A 361 10.33 17.09 -2.38
CA LYS A 361 11.48 17.33 -1.53
C LYS A 361 11.76 16.13 -0.62
N MET A 362 12.72 15.32 -1.06
CA MET A 362 13.10 14.10 -0.34
C MET A 362 14.12 14.45 0.73
N TYR A 363 13.63 15.03 1.83
CA TYR A 363 14.49 15.45 2.92
C TYR A 363 14.34 14.61 4.20
N TYR A 364 13.35 13.72 4.22
CA TYR A 364 13.11 12.92 5.42
C TYR A 364 12.91 11.43 5.18
N SER A 365 13.22 10.66 6.21
CA SER A 365 13.12 9.19 6.15
C SER A 365 11.72 8.59 6.26
N ASN A 366 11.60 7.34 5.83
CA ASN A 366 10.35 6.60 5.89
C ASN A 366 9.17 7.30 5.25
N VAL A 367 9.40 7.86 4.08
CA VAL A 367 8.39 8.58 3.35
C VAL A 367 7.93 7.80 2.12
N THR A 368 6.63 7.85 1.86
CA THR A 368 6.07 7.20 0.69
C THR A 368 5.15 8.19 0.00
N ALA A 369 5.42 8.41 -1.29
CA ALA A 369 4.61 9.32 -2.09
C ALA A 369 4.27 8.59 -3.37
N ARG A 370 3.00 8.58 -3.74
CA ARG A 370 2.60 7.88 -4.96
C ARG A 370 1.43 8.51 -5.68
N ASN A 371 1.33 8.21 -6.98
CA ASN A 371 0.25 8.71 -7.82
C ASN A 371 0.24 10.24 -7.82
N ILE A 372 1.28 10.81 -8.41
CA ILE A 372 1.43 12.26 -8.48
C ILE A 372 1.53 12.76 -9.92
N VAL A 373 0.82 13.84 -10.21
CA VAL A 373 0.87 14.46 -11.53
C VAL A 373 1.56 15.79 -11.29
N MET A 374 2.63 16.06 -12.04
CA MET A 374 3.34 17.31 -11.84
C MET A 374 3.53 18.10 -13.12
N TRP A 375 3.19 19.38 -13.04
CA TRP A 375 3.39 20.30 -14.15
C TRP A 375 4.57 21.13 -13.66
N LYS A 376 5.78 20.68 -13.97
CA LYS A 376 6.97 21.41 -13.57
C LYS A 376 7.12 22.61 -14.49
N GLU A 377 7.49 23.73 -13.91
CA GLU A 377 7.67 24.95 -14.65
C GLU A 377 9.10 25.12 -15.15
N SER A 378 9.80 26.17 -14.71
CA SER A 378 11.16 26.38 -15.23
C SER A 378 12.34 26.30 -14.26
N VAL A 379 12.08 26.06 -12.98
CA VAL A 379 13.19 26.02 -12.01
C VAL A 379 13.16 24.82 -11.07
N ALA A 380 14.36 24.36 -10.71
CA ALA A 380 14.57 23.25 -9.79
C ALA A 380 14.19 21.87 -10.31
N PRO A 381 14.78 20.81 -9.74
CA PRO A 381 14.48 19.45 -10.17
C PRO A 381 13.08 19.00 -9.76
N VAL A 382 12.62 17.90 -10.33
CA VAL A 382 11.32 17.33 -10.03
C VAL A 382 11.42 16.77 -8.60
N VAL A 383 12.49 16.02 -8.36
CA VAL A 383 12.80 15.45 -7.05
C VAL A 383 14.06 16.14 -6.59
N GLU A 384 14.06 16.63 -5.36
CA GLU A 384 15.22 17.33 -4.80
C GLU A 384 15.74 16.74 -3.51
N PHE A 385 17.05 16.48 -3.43
CA PHE A 385 17.63 16.00 -2.18
C PHE A 385 19.03 16.57 -1.96
N GLY A 386 19.21 17.80 -2.44
CA GLY A 386 20.49 18.49 -2.27
C GLY A 386 20.33 19.55 -1.19
N TRP A 387 21.03 20.68 -1.35
CA TRP A 387 20.99 21.80 -0.42
C TRP A 387 21.71 21.61 0.92
N THR A 388 21.47 20.48 1.57
CA THR A 388 22.09 20.21 2.87
C THR A 388 22.30 18.71 3.03
N PRO A 389 23.49 18.31 3.53
CA PRO A 389 23.71 16.86 3.70
C PRO A 389 22.75 16.32 4.75
N ARG A 390 22.23 15.12 4.53
CA ARG A 390 21.27 14.54 5.47
C ARG A 390 21.41 13.04 5.62
N ASN A 391 20.88 12.53 6.73
CA ASN A 391 20.81 11.10 6.94
C ASN A 391 19.36 10.85 6.61
N THR A 392 19.11 10.18 5.49
CA THR A 392 17.76 9.90 5.05
C THR A 392 17.70 8.47 4.54
N GLU A 393 16.70 7.72 4.97
CA GLU A 393 16.58 6.34 4.52
C GLU A 393 15.13 5.88 4.34
N ASN A 394 14.98 4.83 3.55
CA ASN A 394 13.69 4.21 3.29
C ASN A 394 12.64 5.14 2.68
N VAL A 395 12.85 5.49 1.42
CA VAL A 395 11.93 6.36 0.71
C VAL A 395 11.45 5.69 -0.56
N LEU A 396 10.17 5.87 -0.85
CA LEU A 396 9.58 5.32 -2.05
C LEU A 396 8.69 6.34 -2.75
N PHE A 397 9.06 6.72 -3.96
CA PHE A 397 8.27 7.63 -4.78
C PHE A 397 7.84 6.74 -5.95
N ASP A 398 6.54 6.55 -6.12
CA ASP A 398 6.05 5.70 -7.19
C ASP A 398 4.90 6.31 -7.99
N ASN A 399 4.92 6.04 -9.29
CA ASN A 399 3.89 6.52 -10.20
C ASN A 399 3.80 8.04 -10.19
N VAL A 400 4.84 8.67 -10.71
CA VAL A 400 4.90 10.13 -10.78
C VAL A 400 4.97 10.50 -12.27
N ASP A 401 3.97 11.25 -12.73
CA ASP A 401 3.94 11.66 -14.13
C ASP A 401 4.14 13.16 -14.23
N VAL A 402 5.29 13.54 -14.76
CA VAL A 402 5.63 14.95 -14.96
C VAL A 402 5.06 15.22 -16.34
N ILE A 403 3.86 15.78 -16.40
CA ILE A 403 3.22 16.02 -17.68
C ILE A 403 3.83 17.15 -18.50
N HIS A 404 4.59 18.03 -17.86
CA HIS A 404 5.23 19.16 -18.54
C HIS A 404 6.48 19.65 -17.80
N GLN A 405 7.40 20.22 -18.57
CA GLN A 405 8.64 20.81 -18.08
C GLN A 405 8.96 21.95 -19.04
N ALA A 406 9.53 23.05 -18.52
CA ALA A 406 9.86 24.20 -19.37
C ALA A 406 11.15 24.89 -18.92
N TYR A 407 12.21 24.11 -18.73
CA TYR A 407 13.48 24.65 -18.30
C TYR A 407 14.12 25.52 -19.39
N ALA A 408 15.10 26.33 -19.01
CA ALA A 408 15.77 27.21 -19.97
C ALA A 408 17.29 27.06 -20.01
N ASN A 409 17.90 26.76 -18.87
CA ASN A 409 19.36 26.62 -18.81
C ASN A 409 19.85 25.83 -17.61
N ALA A 410 21.15 25.57 -17.57
CA ALA A 410 21.75 24.80 -16.48
C ALA A 410 21.57 25.48 -15.12
N GLY A 411 21.52 26.82 -15.15
CA GLY A 411 21.35 27.57 -13.91
C GLY A 411 20.01 27.33 -13.24
N ASN A 412 19.07 26.74 -13.96
CA ASN A 412 17.75 26.45 -13.39
C ASN A 412 17.81 25.19 -12.54
N ASN A 413 18.96 24.52 -12.52
CA ASN A 413 19.12 23.27 -11.78
C ASN A 413 18.04 22.29 -12.24
N PRO A 414 17.97 22.01 -13.56
CA PRO A 414 16.99 21.09 -14.14
C PRO A 414 17.29 19.63 -13.85
N GLY A 415 16.31 18.77 -14.12
CA GLY A 415 16.51 17.34 -13.90
C GLY A 415 15.35 16.68 -13.19
N ILE A 416 15.11 15.42 -13.51
CA ILE A 416 14.04 14.68 -12.86
C ILE A 416 14.49 14.36 -11.45
N PHE A 417 15.67 13.74 -11.33
CA PHE A 417 16.21 13.40 -10.02
C PHE A 417 17.43 14.28 -9.76
N GLY A 418 17.25 15.27 -8.88
CA GLY A 418 18.35 16.17 -8.61
C GLY A 418 18.72 16.41 -7.17
N ALA A 419 19.96 16.84 -6.98
CA ALA A 419 20.50 17.16 -5.67
C ALA A 419 21.47 18.30 -5.94
N VAL A 420 21.01 19.53 -5.71
CA VAL A 420 21.84 20.69 -5.95
C VAL A 420 22.92 20.88 -4.89
N ASN A 421 23.75 21.90 -5.06
CA ASN A 421 24.85 22.18 -4.16
C ASN A 421 24.44 22.57 -2.73
N ASN A 422 25.43 22.80 -1.88
CA ASN A 422 25.23 23.17 -0.47
C ASN A 422 24.77 24.63 -0.39
N TYR A 423 23.56 24.84 0.11
CA TYR A 423 22.99 26.18 0.20
C TYR A 423 23.81 27.17 1.01
N LEU A 424 24.54 26.69 2.00
CA LEU A 424 25.35 27.57 2.84
C LEU A 424 26.48 28.22 2.04
N TYR A 425 26.93 27.55 0.99
CA TYR A 425 28.04 28.07 0.19
C TYR A 425 27.66 28.39 -1.26
N ALA A 426 26.49 27.92 -1.67
CA ALA A 426 26.01 28.16 -3.03
C ALA A 426 24.48 28.30 -2.96
N PRO A 427 24.00 29.46 -2.47
CA PRO A 427 22.56 29.72 -2.35
C PRO A 427 21.71 29.50 -3.59
N ASP A 428 22.30 29.64 -4.78
CA ASP A 428 21.55 29.43 -6.01
C ASP A 428 21.62 27.98 -6.47
N GLY A 429 22.27 27.16 -5.66
CA GLY A 429 22.38 25.73 -5.95
C GLY A 429 23.39 25.19 -6.94
N LEU A 430 24.10 26.07 -7.65
CA LEU A 430 25.07 25.60 -8.64
C LEU A 430 26.46 26.17 -8.40
N SER A 431 27.45 25.27 -8.29
CA SER A 431 28.84 25.68 -8.06
C SER A 431 29.81 24.54 -8.35
N SER A 432 30.96 24.88 -8.94
CA SER A 432 31.97 23.87 -9.27
C SER A 432 32.65 23.34 -8.01
N ASN A 433 32.43 23.99 -6.88
CA ASN A 433 33.02 23.56 -5.62
C ASN A 433 32.25 22.35 -5.12
N HIS A 434 32.89 21.20 -5.09
CA HIS A 434 32.25 19.97 -4.61
C HIS A 434 32.98 19.46 -3.37
N SER A 435 33.39 20.37 -2.51
CA SER A 435 34.14 20.00 -1.30
C SER A 435 33.52 20.49 0.00
N THR A 436 32.19 20.53 0.05
CA THR A 436 31.51 20.98 1.26
C THR A 436 30.50 19.94 1.70
N GLY A 437 30.78 18.68 1.37
CA GLY A 437 29.87 17.60 1.75
C GLY A 437 30.12 17.06 3.14
N ASN A 438 29.37 16.02 3.50
CA ASN A 438 29.54 15.38 4.80
C ASN A 438 29.66 13.87 4.63
N SER A 439 30.86 13.34 4.85
CA SER A 439 31.13 11.92 4.69
C SER A 439 30.56 11.05 5.82
N ASN A 440 30.00 11.69 6.84
CA ASN A 440 29.43 10.96 7.97
C ASN A 440 27.93 10.76 7.85
N MET A 441 27.35 11.24 6.76
CA MET A 441 25.92 11.09 6.56
C MET A 441 25.67 10.26 5.31
N THR A 442 24.52 9.61 5.28
CA THR A 442 24.18 8.75 4.15
C THR A 442 22.70 8.74 3.81
N VAL A 443 22.41 8.81 2.52
CA VAL A 443 21.05 8.72 2.02
C VAL A 443 21.03 7.27 1.54
N ARG A 444 20.16 6.47 2.14
CA ARG A 444 20.12 5.04 1.82
C ARG A 444 18.74 4.45 1.56
N ASN A 445 18.71 3.39 0.75
CA ASN A 445 17.49 2.67 0.42
C ASN A 445 16.39 3.60 -0.08
N ILE A 446 16.63 4.12 -1.28
CA ILE A 446 15.71 5.03 -1.94
C ILE A 446 15.21 4.36 -3.22
N THR A 447 13.91 4.44 -3.47
CA THR A 447 13.36 3.86 -4.68
C THR A 447 12.47 4.86 -5.41
N TRP A 448 12.82 5.13 -6.66
CA TRP A 448 12.05 6.03 -7.50
C TRP A 448 11.56 5.13 -8.63
N SER A 449 10.28 4.78 -8.59
CA SER A 449 9.71 3.89 -9.60
C SER A 449 8.54 4.43 -10.39
N ASN A 450 8.44 3.95 -11.63
CA ASN A 450 7.37 4.33 -12.52
C ASN A 450 7.17 5.84 -12.68
N PHE A 451 8.25 6.50 -13.06
CA PHE A 451 8.23 7.94 -13.32
C PHE A 451 8.06 8.09 -14.82
N ARG A 452 7.35 9.12 -15.23
CA ARG A 452 7.13 9.36 -16.65
C ARG A 452 7.26 10.86 -16.92
N ALA A 453 7.98 11.19 -17.99
CA ALA A 453 8.14 12.59 -18.37
C ALA A 453 7.53 12.72 -19.75
N GLU A 454 6.41 13.44 -19.83
CA GLU A 454 5.73 13.66 -21.10
C GLU A 454 6.31 14.89 -21.78
N GLY A 455 6.25 14.92 -23.11
CA GLY A 455 6.81 16.05 -23.85
C GLY A 455 8.33 16.07 -23.71
N SER A 456 8.94 17.22 -23.97
CA SER A 456 10.40 17.33 -23.87
C SER A 456 10.82 17.43 -22.41
N SER A 457 11.92 16.76 -22.07
CA SER A 457 12.38 16.70 -20.69
C SER A 457 13.82 17.12 -20.42
N SER A 458 14.09 17.39 -19.14
CA SER A 458 15.43 17.73 -18.69
C SER A 458 16.11 16.39 -18.41
N ALA A 459 17.36 16.45 -17.95
CA ALA A 459 18.16 15.26 -17.66
C ALA A 459 17.50 14.27 -16.69
N LEU A 460 17.86 12.99 -16.83
CA LEU A 460 17.33 11.97 -15.92
C LEU A 460 17.78 12.34 -14.51
N PHE A 461 19.05 12.72 -14.36
CA PHE A 461 19.56 13.10 -13.04
C PHE A 461 20.76 14.03 -13.04
N ARG A 462 20.78 14.92 -12.05
CA ARG A 462 21.88 15.85 -11.83
C ARG A 462 22.02 15.85 -10.32
N ILE A 463 22.82 14.89 -9.84
CA ILE A 463 23.01 14.67 -8.43
C ILE A 463 24.39 14.96 -7.87
N ASN A 464 24.43 15.85 -6.88
CA ASN A 464 25.67 16.16 -6.19
C ASN A 464 25.63 15.30 -4.92
N PRO A 465 26.55 14.34 -4.78
CA PRO A 465 26.50 13.52 -3.56
C PRO A 465 27.08 14.34 -2.40
N ILE A 466 26.27 15.22 -1.83
CA ILE A 466 26.73 16.04 -0.72
C ILE A 466 26.90 15.22 0.56
N GLN A 467 26.45 13.97 0.50
CA GLN A 467 26.61 13.01 1.59
C GLN A 467 26.62 11.67 0.85
N ASN A 468 27.05 10.60 1.52
CA ASN A 468 27.11 9.30 0.86
C ASN A 468 25.78 8.81 0.33
N LEU A 469 25.81 8.08 -0.78
CA LEU A 469 24.62 7.52 -1.39
C LEU A 469 24.73 6.01 -1.40
N ASP A 470 23.71 5.32 -0.92
CA ASP A 470 23.74 3.86 -0.89
C ASP A 470 22.39 3.23 -1.18
N ASN A 471 22.38 2.32 -2.15
CA ASN A 471 21.16 1.61 -2.51
C ASN A 471 20.05 2.54 -3.01
N ILE A 472 20.31 3.20 -4.14
CA ILE A 472 19.32 4.09 -4.73
C ILE A 472 18.91 3.42 -6.04
N SER A 473 17.62 3.15 -6.17
CA SER A 473 17.10 2.47 -7.34
C SER A 473 16.08 3.21 -8.17
N ILE A 474 16.37 3.32 -9.46
CA ILE A 474 15.46 3.93 -10.41
C ILE A 474 14.87 2.74 -11.18
N LYS A 475 13.55 2.57 -11.10
CA LYS A 475 12.90 1.46 -11.79
C LYS A 475 11.71 1.93 -12.61
N ASN A 476 11.89 1.90 -13.93
CA ASN A 476 10.89 2.34 -14.89
C ASN A 476 10.77 3.85 -14.93
N VAL A 477 11.47 4.45 -15.89
CA VAL A 477 11.40 5.88 -16.07
C VAL A 477 11.38 6.11 -17.58
N SER A 478 10.32 6.75 -18.05
CA SER A 478 10.18 7.01 -19.46
C SER A 478 10.23 8.50 -19.75
N ILE A 479 11.14 8.88 -20.64
CA ILE A 479 11.29 10.27 -21.06
C ILE A 479 10.85 10.28 -22.52
N GLU A 480 9.79 11.02 -22.82
CA GLU A 480 9.28 11.06 -24.19
C GLU A 480 10.34 11.58 -25.15
N SER A 481 10.93 12.73 -24.82
CA SER A 481 11.96 13.32 -25.64
C SER A 481 12.78 14.27 -24.78
N PHE A 482 13.96 14.65 -25.25
CA PHE A 482 14.81 15.56 -24.50
C PHE A 482 14.71 16.99 -25.00
N GLU A 483 14.94 17.93 -24.10
CA GLU A 483 14.95 19.33 -24.47
C GLU A 483 16.18 19.49 -25.36
N PRO A 484 16.33 20.64 -26.04
CA PRO A 484 17.50 20.81 -26.91
C PRO A 484 18.84 20.69 -26.19
N LEU A 485 19.78 19.98 -26.83
CA LEU A 485 21.12 19.79 -26.28
C LEU A 485 21.72 21.15 -25.94
N SER A 486 21.46 22.10 -26.82
CA SER A 486 21.96 23.46 -26.72
C SER A 486 21.77 24.18 -25.39
N ILE A 487 20.64 23.97 -24.72
CA ILE A 487 20.40 24.67 -23.46
C ILE A 487 21.04 24.08 -22.20
N ASN A 488 21.76 22.98 -22.37
CA ASN A 488 22.48 22.36 -21.25
C ASN A 488 21.60 21.99 -20.06
N THR A 489 20.50 21.30 -20.33
CA THR A 489 19.57 20.89 -19.27
C THR A 489 19.32 19.39 -19.30
N THR A 490 19.82 18.73 -20.33
CA THR A 490 19.55 17.30 -20.53
C THR A 490 20.63 16.29 -20.19
N GLU A 491 21.88 16.71 -20.09
CA GLU A 491 22.93 15.77 -19.77
C GLU A 491 22.93 15.48 -18.27
N SER A 492 22.92 14.19 -17.93
CA SER A 492 22.90 13.78 -16.52
C SER A 492 24.33 13.74 -15.98
N TRP A 493 24.49 14.09 -14.71
CA TRP A 493 25.81 14.05 -14.10
C TRP A 493 25.79 13.74 -12.61
N MET A 494 26.96 13.36 -12.10
CA MET A 494 27.16 13.03 -10.70
C MET A 494 28.66 13.17 -10.44
N PRO A 495 29.11 14.40 -10.14
CA PRO A 495 30.53 14.69 -9.87
C PRO A 495 31.01 14.15 -8.53
N VAL A 496 32.30 13.90 -8.42
CA VAL A 496 32.86 13.38 -7.18
C VAL A 496 32.86 14.50 -6.14
N TRP A 497 32.49 14.15 -4.91
CA TRP A 497 32.43 15.11 -3.82
C TRP A 497 33.35 14.76 -2.66
N TYR A 498 33.67 15.76 -1.85
CA TYR A 498 34.54 15.58 -0.70
C TYR A 498 33.98 16.20 0.57
N ASP A 499 34.41 15.66 1.70
CA ASP A 499 33.98 16.12 3.02
C ASP A 499 34.53 17.52 3.30
N LEU A 500 33.65 18.39 3.76
CA LEU A 500 34.00 19.78 4.05
C LEU A 500 35.17 19.94 5.01
N ASN A 501 35.20 19.11 6.06
CA ASN A 501 36.23 19.21 7.08
C ASN A 501 37.48 18.33 6.94
N ASN A 502 37.32 17.06 6.59
CA ASN A 502 38.49 16.17 6.49
C ASN A 502 38.88 15.69 5.09
N GLY A 503 38.22 16.22 4.07
CA GLY A 503 38.55 15.83 2.70
C GLY A 503 38.26 14.39 2.29
N LYS A 504 37.57 13.63 3.12
CA LYS A 504 37.24 12.26 2.76
C LYS A 504 36.33 12.28 1.54
N GLN A 505 36.54 11.36 0.61
CA GLN A 505 35.73 11.31 -0.60
C GLN A 505 34.37 10.71 -0.31
N ILE A 506 33.32 11.42 -0.76
CA ILE A 506 31.95 10.94 -0.57
C ILE A 506 31.76 9.71 -1.46
N THR A 507 31.11 8.69 -0.91
CA THR A 507 30.89 7.45 -1.65
C THR A 507 29.50 7.27 -2.25
N VAL A 508 29.44 6.50 -3.32
CA VAL A 508 28.20 6.17 -4.00
C VAL A 508 28.23 4.66 -4.19
N THR A 509 27.24 3.98 -3.63
CA THR A 509 27.18 2.53 -3.73
C THR A 509 25.82 2.04 -4.22
N ASP A 510 25.84 1.08 -5.13
CA ASP A 510 24.63 0.50 -5.69
C ASP A 510 23.56 1.49 -6.14
N PHE A 511 23.90 2.28 -7.13
CA PHE A 511 22.98 3.25 -7.71
C PHE A 511 22.57 2.52 -9.00
N SER A 512 21.35 1.98 -9.02
CA SER A 512 20.90 1.23 -10.18
C SER A 512 19.82 1.90 -11.03
N ILE A 513 19.86 1.58 -12.33
CA ILE A 513 18.92 2.12 -13.30
C ILE A 513 18.34 0.96 -14.10
N GLU A 514 17.01 0.83 -14.06
CA GLU A 514 16.33 -0.23 -14.77
C GLU A 514 15.07 0.32 -15.43
N GLY A 515 14.76 -0.18 -16.62
CA GLY A 515 13.56 0.27 -17.31
C GLY A 515 13.55 1.74 -17.72
N PHE A 516 14.72 2.25 -18.10
CA PHE A 516 14.84 3.64 -18.54
C PHE A 516 14.68 3.66 -20.08
N THR A 517 13.76 4.47 -20.57
CA THR A 517 13.56 4.59 -22.01
C THR A 517 13.50 6.06 -22.41
N VAL A 518 13.95 6.34 -23.63
CA VAL A 518 13.90 7.69 -24.18
C VAL A 518 13.11 7.51 -25.47
N GLY A 519 11.89 8.03 -25.50
CA GLY A 519 11.08 7.85 -26.69
C GLY A 519 10.87 6.37 -26.87
N ASN A 520 11.11 5.86 -28.07
CA ASN A 520 10.94 4.44 -28.34
C ASN A 520 12.24 3.65 -28.22
N THR A 521 13.23 4.24 -27.56
CA THR A 521 14.52 3.57 -27.39
C THR A 521 14.77 3.10 -25.96
N THR A 522 15.08 1.81 -25.83
CA THR A 522 15.39 1.24 -24.53
C THR A 522 16.83 1.61 -24.18
N ILE A 523 17.05 2.14 -22.98
CA ILE A 523 18.38 2.52 -22.56
C ILE A 523 19.08 1.40 -21.80
N THR A 524 20.31 1.12 -22.21
CA THR A 524 21.13 0.08 -21.59
C THR A 524 22.50 0.70 -21.33
N ALA A 525 23.40 -0.08 -20.73
CA ALA A 525 24.74 0.42 -20.46
C ALA A 525 25.41 0.81 -21.77
N SER A 526 24.97 0.20 -22.87
CA SER A 526 25.53 0.46 -24.18
C SER A 526 25.28 1.87 -24.72
N ASN A 527 24.05 2.36 -24.56
CA ASN A 527 23.70 3.68 -25.05
C ASN A 527 23.30 4.70 -23.98
N ALA A 528 23.61 4.39 -22.73
CA ALA A 528 23.27 5.29 -21.63
C ALA A 528 23.90 6.67 -21.83
N ALA A 529 25.19 6.68 -22.14
CA ALA A 529 25.91 7.92 -22.33
C ALA A 529 25.55 8.68 -23.61
N SER A 530 25.10 7.96 -24.63
CA SER A 530 24.73 8.60 -25.88
C SER A 530 23.26 8.97 -25.94
N VAL A 531 22.39 7.98 -26.15
CA VAL A 531 20.96 8.23 -26.23
C VAL A 531 20.37 8.71 -24.90
N GLY A 532 20.82 8.12 -23.80
CA GLY A 532 20.31 8.51 -22.49
C GLY A 532 20.91 9.81 -21.97
N ARG A 533 21.98 10.26 -22.64
CA ARG A 533 22.68 11.49 -22.26
C ARG A 533 23.25 11.46 -20.84
N ILE A 534 23.54 10.26 -20.36
CA ILE A 534 24.13 10.11 -19.03
C ILE A 534 25.64 10.09 -19.27
N ASP A 535 26.22 11.27 -19.46
CA ASP A 535 27.65 11.36 -19.74
C ASP A 535 28.47 12.10 -18.69
N GLY A 536 27.86 12.39 -17.55
CA GLY A 536 28.56 13.11 -16.51
C GLY A 536 28.81 12.40 -15.19
N VAL A 537 28.73 11.07 -15.18
CA VAL A 537 29.00 10.33 -13.95
C VAL A 537 30.51 10.33 -13.74
N ASP A 538 30.96 10.77 -12.57
CA ASP A 538 32.39 10.82 -12.29
C ASP A 538 33.00 9.43 -12.42
N PRO A 539 34.21 9.34 -12.98
CA PRO A 539 34.83 8.01 -13.12
C PRO A 539 34.97 7.26 -11.79
N ALA A 540 35.06 8.00 -10.69
CA ALA A 540 35.20 7.38 -9.37
C ALA A 540 33.89 6.70 -8.95
N TYR A 541 32.79 7.09 -9.58
CA TYR A 541 31.48 6.54 -9.27
C TYR A 541 30.92 5.64 -10.37
N ALA A 542 31.55 5.69 -11.55
CA ALA A 542 31.10 4.89 -12.69
C ALA A 542 30.84 3.42 -12.37
N GLY A 543 31.71 2.83 -11.57
CA GLY A 543 31.56 1.42 -11.22
C GLY A 543 30.43 1.17 -10.23
N SER A 544 29.85 2.24 -9.69
CA SER A 544 28.77 2.10 -8.72
C SER A 544 27.39 2.32 -9.35
N VAL A 545 27.39 2.79 -10.60
CA VAL A 545 26.14 3.01 -11.32
C VAL A 545 25.91 1.76 -12.16
N HIS A 546 24.86 1.01 -11.82
CA HIS A 546 24.55 -0.23 -12.49
C HIS A 546 23.29 -0.22 -13.35
N TYR A 547 23.44 -0.62 -14.61
CA TYR A 547 22.31 -0.69 -15.52
C TYR A 547 21.77 -2.11 -15.53
N ILE A 548 20.58 -2.28 -14.96
CA ILE A 548 19.94 -3.59 -14.90
C ILE A 548 19.22 -3.80 -16.22
N ASP A 549 19.81 -4.58 -17.11
CA ASP A 549 19.22 -4.85 -18.42
C ASP A 549 18.78 -6.30 -18.55
N ARG B 1 16.98 -7.73 42.22
CA ARG B 1 15.49 -7.69 42.25
C ARG B 1 14.92 -8.97 41.64
N GLU B 2 13.61 -9.15 41.72
CA GLU B 2 13.03 -10.37 41.17
C GLU B 2 13.23 -10.36 39.66
N PHE B 3 13.38 -11.55 39.08
CA PHE B 3 13.59 -11.68 37.65
C PHE B 3 12.41 -11.15 36.87
N MET B 4 12.71 -10.41 35.80
CA MET B 4 11.68 -9.84 34.93
C MET B 4 12.18 -9.91 33.50
N ALA B 5 11.26 -10.10 32.56
CA ALA B 5 11.62 -10.16 31.15
C ALA B 5 12.11 -8.78 30.72
N VAL B 6 13.11 -8.75 29.84
CA VAL B 6 13.64 -7.50 29.33
C VAL B 6 13.42 -7.50 27.82
N THR B 7 12.58 -6.59 27.34
CA THR B 7 12.28 -6.52 25.92
C THR B 7 13.00 -5.40 25.19
N ALA B 8 13.26 -5.63 23.90
CA ALA B 8 13.94 -4.67 23.06
C ALA B 8 12.94 -3.71 22.42
N ASN B 9 13.33 -2.46 22.27
CA ASN B 9 12.48 -1.46 21.64
C ASN B 9 13.38 -0.35 21.11
N ASN B 10 14.15 -0.69 20.07
CA ASN B 10 15.06 0.26 19.46
C ASN B 10 14.91 0.28 17.93
N SER B 11 15.82 0.98 17.26
CA SER B 11 15.76 1.10 15.81
C SER B 11 16.16 -0.16 15.05
N GLN B 12 16.60 -1.19 15.77
CA GLN B 12 17.02 -2.42 15.10
C GLN B 12 16.22 -3.64 15.51
N LEU B 13 15.63 -3.58 16.70
CA LEU B 13 14.89 -4.73 17.21
C LEU B 13 13.74 -4.36 18.13
N LEU B 14 12.67 -5.14 18.05
CA LEU B 14 11.51 -4.94 18.89
C LEU B 14 10.95 -6.30 19.31
N THR B 15 10.88 -6.52 20.62
CA THR B 15 10.33 -7.76 21.16
C THR B 15 9.31 -7.33 22.19
N TRP B 16 8.46 -8.25 22.63
CA TRP B 16 7.45 -7.92 23.61
C TRP B 16 7.14 -9.05 24.58
N TRP B 17 6.39 -8.71 25.61
CA TRP B 17 6.04 -9.67 26.65
C TRP B 17 4.61 -9.45 27.13
N HIS B 18 4.10 -10.41 27.89
CA HIS B 18 2.77 -10.32 28.46
C HIS B 18 2.91 -10.70 29.92
N ASN B 19 2.53 -9.80 30.82
CA ASN B 19 2.64 -10.07 32.24
C ASN B 19 1.59 -11.06 32.74
N THR B 20 0.59 -11.33 31.92
CA THR B 20 -0.44 -12.29 32.29
C THR B 20 -0.32 -13.61 31.53
N GLY B 21 0.90 -13.94 31.13
CA GLY B 21 1.14 -15.18 30.43
C GLY B 21 0.78 -16.32 31.37
N GLU B 22 0.22 -17.39 30.83
CA GLU B 22 -0.17 -18.53 31.65
C GLU B 22 0.30 -19.85 31.05
N ILE B 23 1.10 -20.60 31.79
CA ILE B 23 1.55 -21.90 31.31
C ILE B 23 0.37 -22.82 31.58
N ASN B 24 -0.22 -23.34 30.50
CA ASN B 24 -1.38 -24.20 30.60
C ASN B 24 -1.44 -25.04 29.33
N THR B 25 -1.53 -26.36 29.49
CA THR B 25 -1.57 -27.25 28.33
C THR B 25 -2.80 -28.15 28.29
N GLN B 26 -3.77 -27.89 29.16
CA GLN B 26 -4.96 -28.73 29.21
C GLN B 26 -6.31 -28.04 29.30
N THR B 27 -6.34 -26.82 29.80
CA THR B 27 -7.61 -26.09 29.94
C THR B 27 -7.55 -24.68 29.37
N PRO B 28 -8.70 -23.99 29.32
CA PRO B 28 -8.71 -22.62 28.79
C PRO B 28 -7.99 -21.69 29.76
N VAL B 29 -7.25 -20.72 29.25
CA VAL B 29 -6.57 -19.77 30.12
C VAL B 29 -7.59 -18.72 30.54
N ALA B 30 -7.25 -17.95 31.57
CA ALA B 30 -8.16 -16.91 32.05
C ALA B 30 -8.43 -15.90 30.94
N ASP B 31 -9.57 -15.22 31.04
CA ASP B 31 -9.94 -14.21 30.05
C ASP B 31 -8.80 -13.24 29.75
N GLY B 32 -8.19 -12.70 30.80
CA GLY B 32 -7.11 -11.75 30.62
C GLY B 32 -5.71 -12.34 30.54
N ASN B 33 -5.61 -13.66 30.45
CA ASN B 33 -4.32 -14.31 30.37
C ASN B 33 -3.98 -14.74 28.95
N VAL B 34 -2.70 -15.02 28.72
CA VAL B 34 -2.22 -15.45 27.40
C VAL B 34 -1.48 -16.77 27.53
N ARG B 35 -1.99 -17.82 26.88
CA ARG B 35 -1.33 -19.11 26.96
C ARG B 35 0.12 -18.97 26.49
N GLN B 36 1.04 -19.43 27.32
CA GLN B 36 2.46 -19.32 27.05
C GLN B 36 3.15 -20.68 27.07
N SER B 37 4.16 -20.85 26.24
CA SER B 37 4.88 -22.13 26.19
C SER B 37 5.68 -22.34 27.46
N GLY B 38 5.60 -23.53 28.01
CA GLY B 38 6.36 -23.84 29.21
C GLY B 38 7.57 -24.65 28.84
N LEU B 39 7.68 -24.93 27.53
CA LEU B 39 8.79 -25.71 27.00
C LEU B 39 9.89 -24.88 26.35
N TYR B 40 9.50 -23.91 25.53
CA TYR B 40 10.46 -23.06 24.83
C TYR B 40 10.50 -21.63 25.31
N SER B 41 11.71 -21.10 25.41
CA SER B 41 11.91 -19.71 25.81
C SER B 41 12.80 -19.13 24.71
N VAL B 42 12.50 -17.92 24.27
CA VAL B 42 13.28 -17.30 23.21
C VAL B 42 13.77 -15.90 23.54
N LYS B 43 15.00 -15.61 23.15
CA LYS B 43 15.61 -14.31 23.36
C LYS B 43 16.25 -13.93 22.03
N VAL B 44 16.37 -12.64 21.76
CA VAL B 44 16.94 -12.17 20.51
C VAL B 44 17.97 -11.07 20.73
N GLN B 45 19.04 -11.10 19.93
CA GLN B 45 20.11 -10.11 20.03
C GLN B 45 20.57 -9.64 18.66
N THR B 46 20.53 -8.34 18.44
CA THR B 46 20.96 -7.76 17.17
C THR B 46 22.46 -8.03 17.02
N THR B 47 22.88 -8.47 15.84
CA THR B 47 24.29 -8.74 15.59
C THR B 47 25.06 -7.42 15.54
N PRO B 48 26.39 -7.48 15.68
CA PRO B 48 27.20 -8.69 15.87
C PRO B 48 27.00 -9.31 17.25
N ALA B 49 27.10 -10.64 17.31
CA ALA B 49 26.93 -11.37 18.57
C ALA B 49 28.01 -10.95 19.56
N SER B 50 27.59 -10.60 20.77
CA SER B 50 28.53 -10.19 21.81
C SER B 50 28.02 -10.54 23.19
N SER B 51 28.79 -10.18 24.22
CA SER B 51 28.40 -10.44 25.60
C SER B 51 27.23 -9.56 25.99
N SER B 52 26.79 -8.72 25.04
CA SER B 52 25.67 -7.82 25.29
C SER B 52 24.42 -8.60 25.69
N LEU B 53 23.37 -7.86 26.05
CA LEU B 53 22.11 -8.45 26.49
C LEU B 53 21.23 -9.03 25.38
N TYR B 54 20.56 -10.13 25.70
CA TYR B 54 19.63 -10.78 24.78
C TYR B 54 18.24 -10.40 25.27
N TYR B 55 17.37 -9.98 24.37
CA TYR B 55 16.02 -9.57 24.75
C TYR B 55 14.96 -10.66 24.66
N ASP B 56 14.20 -10.82 25.73
CA ASP B 56 13.13 -11.82 25.79
C ASP B 56 12.05 -11.57 24.74
N SER B 57 11.57 -12.66 24.16
CA SER B 57 10.51 -12.61 23.14
C SER B 57 9.45 -13.62 23.58
N PHE B 58 8.25 -13.14 23.89
CA PHE B 58 7.16 -13.98 24.36
C PHE B 58 6.83 -15.14 23.41
N VAL B 59 6.72 -16.34 23.97
CA VAL B 59 6.39 -17.52 23.18
C VAL B 59 4.96 -17.96 23.48
N TYR B 60 4.08 -17.73 22.52
CA TYR B 60 2.67 -18.08 22.63
C TYR B 60 2.51 -19.59 22.41
N LEU B 61 1.39 -20.14 22.85
CA LEU B 61 1.11 -21.55 22.68
C LEU B 61 -0.35 -21.79 22.30
N ALA B 62 -0.57 -22.62 21.29
CA ALA B 62 -1.90 -22.99 20.86
C ALA B 62 -1.98 -24.50 21.01
N ILE B 63 -3.11 -25.00 21.49
CA ILE B 63 -3.28 -26.43 21.67
C ILE B 63 -4.62 -26.87 21.09
N PRO B 64 -4.71 -28.14 20.65
CA PRO B 64 -5.96 -28.63 20.07
C PRO B 64 -7.14 -28.49 21.04
N GLY B 65 -8.25 -28.00 20.54
CA GLY B 65 -9.43 -27.82 21.38
C GLY B 65 -9.38 -26.56 22.22
N ASN B 66 -8.23 -25.89 22.22
CA ASN B 66 -8.07 -24.66 22.98
C ASN B 66 -8.37 -24.84 24.47
N GLY B 67 -8.12 -26.04 24.99
CA GLY B 67 -8.37 -26.29 26.40
C GLY B 67 -9.76 -26.81 26.69
N MET B 68 -10.60 -26.89 25.66
CA MET B 68 -11.96 -27.39 25.81
C MET B 68 -11.95 -28.84 25.32
N SER B 69 -11.64 -29.76 26.23
CA SER B 69 -11.55 -31.18 25.88
C SER B 69 -12.75 -31.75 25.13
N ASP B 70 -13.93 -31.17 25.33
CA ASP B 70 -15.12 -31.65 24.64
C ASP B 70 -15.13 -31.24 23.17
N GLN B 71 -14.14 -30.47 22.77
CA GLN B 71 -14.04 -30.01 21.38
C GLN B 71 -13.01 -30.83 20.60
N LEU B 72 -12.24 -31.66 21.31
CA LEU B 72 -11.22 -32.48 20.67
C LEU B 72 -11.78 -33.37 19.57
N GLN B 73 -13.08 -33.69 19.68
CA GLN B 73 -13.76 -34.54 18.70
C GLN B 73 -13.81 -33.87 17.32
N TYR B 74 -13.50 -32.58 17.28
CA TYR B 74 -13.53 -31.83 16.04
C TYR B 74 -12.14 -31.56 15.48
N THR B 75 -11.14 -32.25 16.04
CA THR B 75 -9.75 -32.12 15.58
C THR B 75 -9.35 -33.45 14.96
N GLN B 76 -8.08 -33.59 14.57
CA GLN B 76 -7.62 -34.82 13.97
C GLN B 76 -7.18 -35.87 15.01
N GLY B 77 -7.23 -35.52 16.28
CA GLY B 77 -6.87 -36.45 17.34
C GLY B 77 -5.40 -36.66 17.66
N TYR B 78 -4.54 -35.76 17.20
CA TYR B 78 -3.11 -35.87 17.48
C TYR B 78 -2.80 -35.10 18.76
N ASN B 79 -1.62 -35.32 19.35
CA ASN B 79 -1.26 -34.61 20.58
C ASN B 79 -0.29 -33.45 20.34
N GLN B 80 -0.15 -33.04 19.08
CA GLN B 80 0.74 -31.95 18.74
C GLN B 80 0.25 -30.60 19.27
N THR B 81 1.19 -29.75 19.68
CA THR B 81 0.87 -28.40 20.14
C THR B 81 1.70 -27.49 19.24
N GLN B 82 1.38 -26.21 19.23
CA GLN B 82 2.11 -25.28 18.39
C GLN B 82 2.42 -23.96 19.09
N ALA B 83 3.71 -23.71 19.32
CA ALA B 83 4.15 -22.49 19.97
C ALA B 83 4.78 -21.57 18.92
N TRP B 84 4.79 -20.28 19.18
CA TRP B 84 5.39 -19.35 18.23
C TRP B 84 5.76 -18.04 18.90
N THR B 85 6.66 -17.31 18.26
CA THR B 85 7.08 -16.01 18.77
C THR B 85 7.30 -15.08 17.58
N SER B 86 7.01 -13.81 17.78
CA SER B 86 7.19 -12.82 16.73
C SER B 86 8.02 -11.66 17.24
N PHE B 87 8.81 -11.06 16.35
CA PHE B 87 9.61 -9.90 16.70
C PHE B 87 9.83 -9.10 15.43
N LEU B 88 10.08 -7.80 15.59
CA LEU B 88 10.33 -6.94 14.43
C LEU B 88 11.82 -6.60 14.42
N TYR B 89 12.40 -6.45 13.23
CA TYR B 89 13.81 -6.13 13.15
C TYR B 89 14.16 -5.40 11.88
N SER B 90 15.37 -4.84 11.84
CA SER B 90 15.85 -4.11 10.68
C SER B 90 17.33 -4.39 10.48
N HIS B 91 17.82 -5.41 11.18
CA HIS B 91 19.22 -5.79 11.11
C HIS B 91 19.35 -7.27 11.50
N ASP B 92 20.36 -7.94 10.96
CA ASP B 92 20.57 -9.35 11.29
C ASP B 92 20.45 -9.50 12.79
N ALA B 93 19.91 -10.64 13.23
CA ALA B 93 19.75 -10.87 14.66
C ALA B 93 19.94 -12.35 15.00
N THR B 94 20.43 -12.60 16.20
CA THR B 94 20.64 -13.96 16.66
C THR B 94 19.47 -14.37 17.54
N VAL B 95 18.82 -15.48 17.20
CA VAL B 95 17.69 -15.96 17.98
C VAL B 95 18.15 -17.11 18.88
N LYS B 96 18.09 -16.87 20.19
CA LYS B 96 18.51 -17.89 21.16
C LYS B 96 17.31 -18.65 21.70
N ILE B 97 17.28 -19.95 21.44
CA ILE B 97 16.19 -20.79 21.90
C ILE B 97 16.65 -21.72 23.02
N SER B 98 15.90 -21.73 24.11
CA SER B 98 16.24 -22.57 25.26
C SER B 98 15.05 -23.41 25.70
N ARG B 99 15.34 -24.57 26.27
CA ARG B 99 14.31 -25.47 26.77
C ARG B 99 14.52 -25.62 28.28
N ASN B 100 14.13 -26.74 28.87
CA ASN B 100 14.30 -26.89 30.31
C ASN B 100 15.58 -27.58 30.77
N GLY B 101 15.84 -27.52 32.07
CA GLY B 101 17.04 -28.10 32.65
C GLY B 101 17.25 -29.59 32.44
N SER B 102 16.20 -30.29 32.01
CA SER B 102 16.30 -31.73 31.77
C SER B 102 16.42 -32.01 30.28
N SER B 103 16.58 -30.94 29.50
CA SER B 103 16.69 -31.06 28.05
C SER B 103 18.13 -31.24 27.60
N ALA B 104 18.36 -32.26 26.77
CA ALA B 104 19.69 -32.56 26.26
C ALA B 104 19.97 -31.73 25.01
N ASN B 105 21.22 -31.74 24.57
CA ASN B 105 21.61 -30.99 23.38
C ASN B 105 21.13 -31.76 22.15
N SER B 106 19.97 -31.37 21.63
CA SER B 106 19.40 -32.01 20.46
C SER B 106 19.57 -31.18 19.21
N ASN B 107 19.91 -31.84 18.11
CA ASN B 107 20.10 -31.17 16.83
C ASN B 107 18.74 -30.65 16.38
N VAL B 108 18.73 -29.52 15.70
CA VAL B 108 17.48 -28.95 15.22
C VAL B 108 17.49 -28.85 13.70
N VAL B 109 16.29 -28.91 13.12
CA VAL B 109 16.14 -28.78 11.68
C VAL B 109 15.24 -27.57 11.48
N ILE B 110 15.69 -26.64 10.63
CA ILE B 110 14.90 -25.45 10.36
C ILE B 110 14.16 -25.66 9.04
N ARG B 111 12.85 -25.41 9.06
CA ARG B 111 12.03 -25.56 7.87
C ARG B 111 11.33 -24.24 7.58
N PRO B 112 11.35 -23.78 6.32
CA PRO B 112 11.99 -24.41 5.16
C PRO B 112 13.50 -24.61 5.25
N THR B 113 13.95 -25.78 4.81
CA THR B 113 15.36 -26.13 4.86
C THR B 113 16.22 -25.32 3.88
N SER B 114 15.57 -24.60 2.98
CA SER B 114 16.29 -23.79 2.00
C SER B 114 16.90 -22.54 2.62
N LEU B 115 16.41 -22.15 3.78
CA LEU B 115 16.92 -20.96 4.47
C LEU B 115 18.41 -21.08 4.77
N ASN B 116 18.81 -22.23 5.28
CA ASN B 116 20.21 -22.49 5.58
C ASN B 116 20.84 -21.42 6.46
N PHE B 117 20.16 -21.09 7.55
CA PHE B 117 20.64 -20.08 8.49
C PHE B 117 21.74 -20.67 9.38
N PRO B 118 22.70 -19.83 9.80
CA PRO B 118 23.77 -20.34 10.66
C PRO B 118 23.17 -20.80 11.98
N VAL B 119 23.61 -21.96 12.47
CA VAL B 119 23.10 -22.49 13.72
C VAL B 119 24.23 -23.04 14.57
N ARG B 120 24.29 -22.61 15.82
CA ARG B 120 25.33 -23.08 16.72
C ARG B 120 24.70 -23.51 18.03
N TYR B 121 25.27 -24.55 18.63
CA TYR B 121 24.75 -25.08 19.89
C TYR B 121 25.70 -24.73 21.02
N ASP B 122 25.14 -24.31 22.15
CA ASP B 122 25.95 -23.94 23.31
C ASP B 122 25.17 -24.03 24.61
N ASN B 123 25.67 -24.86 25.52
CA ASN B 123 25.05 -25.06 26.83
C ASN B 123 23.54 -25.29 26.77
N GLN B 124 23.13 -26.33 26.07
CA GLN B 124 21.73 -26.69 25.95
C GLN B 124 20.84 -25.60 25.34
N SER B 125 21.43 -24.74 24.53
CA SER B 125 20.67 -23.68 23.86
C SER B 125 21.05 -23.64 22.39
N VAL B 126 20.11 -23.21 21.55
CA VAL B 126 20.35 -23.12 20.12
C VAL B 126 20.40 -21.67 19.69
N TYR B 127 21.41 -21.34 18.88
CA TYR B 127 21.59 -19.99 18.38
C TYR B 127 21.42 -19.96 16.86
N ILE B 128 20.37 -19.31 16.41
CA ILE B 128 20.09 -19.21 14.98
C ILE B 128 20.32 -17.79 14.52
N THR B 129 21.21 -17.62 13.54
CA THR B 129 21.51 -16.29 13.02
C THR B 129 20.51 -16.00 11.90
N VAL B 130 19.58 -15.10 12.18
CA VAL B 130 18.57 -14.73 11.19
C VAL B 130 18.92 -13.45 10.46
N PRO B 131 19.20 -13.56 9.15
CA PRO B 131 19.56 -12.41 8.32
C PRO B 131 18.37 -11.48 8.14
N TYR B 132 18.61 -10.18 8.10
CA TYR B 132 17.51 -9.25 7.91
C TYR B 132 17.02 -9.33 6.47
N SER B 133 15.70 -9.27 6.30
CA SER B 133 15.09 -9.29 4.99
C SER B 133 13.87 -8.39 5.08
N PRO B 134 13.66 -7.52 4.07
CA PRO B 134 12.51 -6.62 4.08
C PRO B 134 11.17 -7.35 4.16
N THR B 135 11.16 -8.62 3.78
CA THR B 135 9.94 -9.42 3.82
C THR B 135 9.93 -10.36 5.03
N GLY B 136 11.01 -10.33 5.81
CA GLY B 136 11.12 -11.17 6.98
C GLY B 136 11.10 -12.66 6.67
N TYR B 137 10.99 -13.47 7.73
CA TYR B 137 10.94 -14.92 7.58
C TYR B 137 9.95 -15.55 8.55
N ARG B 138 9.43 -16.71 8.17
CA ARG B 138 8.50 -17.48 8.99
C ARG B 138 9.00 -18.91 8.88
N PHE B 139 9.57 -19.43 9.97
CA PHE B 139 10.10 -20.78 9.93
C PHE B 139 9.84 -21.62 11.16
N SER B 140 10.07 -22.92 11.03
CA SER B 140 9.84 -23.88 12.11
C SER B 140 11.17 -24.41 12.64
N VAL B 141 11.31 -24.42 13.96
CA VAL B 141 12.53 -24.92 14.61
C VAL B 141 12.14 -26.29 15.17
N GLU B 142 12.72 -27.35 14.62
CA GLU B 142 12.36 -28.70 15.04
C GLU B 142 13.48 -29.49 15.71
N PHE B 143 13.27 -29.83 16.97
CA PHE B 143 14.24 -30.60 17.74
C PHE B 143 14.09 -32.09 17.46
N ASP B 144 15.17 -32.73 17.03
CA ASP B 144 15.17 -34.15 16.72
C ASP B 144 14.55 -35.02 17.82
N ASP B 145 14.86 -34.72 19.08
CA ASP B 145 14.32 -35.53 20.16
C ASP B 145 12.88 -35.22 20.52
N ASP B 146 12.26 -34.29 19.78
CA ASP B 146 10.87 -33.94 20.03
C ASP B 146 9.97 -34.49 18.92
N LEU B 147 10.60 -35.04 17.89
CA LEU B 147 9.87 -35.61 16.76
C LEU B 147 9.10 -36.86 17.15
N ILE B 148 7.90 -36.99 16.60
CA ILE B 148 7.07 -38.15 16.84
C ILE B 148 6.55 -38.63 15.50
N SER B 149 6.01 -39.83 15.45
CA SER B 149 5.48 -40.38 14.22
C SER B 149 3.97 -40.27 14.23
N LEU B 150 3.41 -39.69 13.18
CA LEU B 150 1.97 -39.51 13.08
C LEU B 150 1.35 -40.63 12.24
N ALA B 151 0.50 -41.43 12.86
CA ALA B 151 -0.15 -42.54 12.18
C ALA B 151 -1.34 -42.04 11.37
N PRO B 152 -1.61 -42.66 10.21
CA PRO B 152 -0.90 -43.78 9.61
C PRO B 152 0.19 -43.43 8.60
N SER B 153 0.41 -42.13 8.37
CA SER B 153 1.41 -41.72 7.39
C SER B 153 2.84 -41.99 7.86
N GLY B 154 3.04 -41.97 9.17
CA GLY B 154 4.37 -42.19 9.70
C GLY B 154 5.19 -40.92 9.57
N ALA B 155 4.51 -39.82 9.25
CA ALA B 155 5.17 -38.54 9.09
C ALA B 155 5.90 -38.19 10.39
N ARG B 156 7.15 -37.75 10.27
CA ARG B 156 7.96 -37.37 11.42
C ARG B 156 7.82 -35.88 11.65
N GLN B 157 7.18 -35.50 12.74
CA GLN B 157 6.97 -34.10 13.05
C GLN B 157 7.14 -33.78 14.53
N PRO B 158 7.39 -32.49 14.84
CA PRO B 158 7.56 -32.07 16.23
C PRO B 158 6.27 -32.31 16.99
N GLU B 159 6.36 -32.83 18.20
CA GLU B 159 5.17 -33.03 19.01
C GLU B 159 4.81 -31.64 19.52
N ASN B 160 5.85 -30.84 19.74
CA ASN B 160 5.70 -29.48 20.24
C ASN B 160 6.40 -28.51 19.29
N ALA B 161 5.67 -28.03 18.30
CA ALA B 161 6.23 -27.11 17.32
C ALA B 161 6.63 -25.77 17.90
N LEU B 162 7.61 -25.13 17.26
CA LEU B 162 8.08 -23.81 17.64
C LEU B 162 8.30 -23.02 16.35
N LEU B 163 7.46 -22.01 16.14
CA LEU B 163 7.55 -21.19 14.94
C LEU B 163 8.14 -19.82 15.26
N ILE B 164 8.98 -19.32 14.38
CA ILE B 164 9.62 -18.02 14.55
C ILE B 164 9.16 -17.10 13.43
N PHE B 165 8.59 -15.96 13.79
CA PHE B 165 8.10 -15.00 12.80
C PHE B 165 8.87 -13.69 12.90
N ALA B 166 9.96 -13.58 12.15
CA ALA B 166 10.77 -12.37 12.14
C ALA B 166 10.19 -11.45 11.06
N SER B 167 9.74 -10.26 11.47
CA SER B 167 9.13 -9.33 10.54
C SER B 167 9.77 -7.96 10.53
N PRO B 168 9.61 -7.22 9.42
CA PRO B 168 10.19 -5.87 9.32
C PRO B 168 9.39 -4.88 10.16
N PHE B 169 10.00 -3.76 10.50
CA PHE B 169 9.31 -2.75 11.28
C PHE B 169 8.05 -2.29 10.55
N GLU B 170 7.09 -1.78 11.31
CA GLU B 170 5.83 -1.32 10.74
C GLU B 170 5.93 0.10 10.19
N ASN B 171 5.54 0.28 8.93
CA ASN B 171 5.59 1.61 8.33
C ASN B 171 4.29 2.37 8.60
N SER B 172 4.17 3.57 8.06
CA SER B 172 2.99 4.38 8.28
C SER B 172 1.71 3.80 7.69
N SER B 173 1.84 2.85 6.77
CA SER B 173 0.65 2.26 6.17
C SER B 173 0.10 1.12 7.02
N THR B 174 0.91 0.59 7.93
CA THR B 174 0.44 -0.52 8.77
C THR B 174 0.34 -0.16 10.25
N LYS B 175 0.87 1.00 10.65
CA LYS B 175 0.79 1.43 12.04
C LYS B 175 0.23 2.83 12.12
N PRO B 176 -0.94 3.00 12.75
CA PRO B 176 -1.56 4.31 12.87
C PRO B 176 -0.85 5.20 13.88
N GLN B 177 -0.91 6.51 13.66
CA GLN B 177 -0.29 7.44 14.58
C GLN B 177 -1.21 7.59 15.78
N PRO B 178 -0.63 7.61 16.99
CA PRO B 178 -1.46 7.74 18.20
C PRO B 178 -1.98 9.17 18.39
N GLY B 179 -3.13 9.30 19.06
CA GLY B 179 -3.69 10.62 19.32
C GLY B 179 -4.61 11.20 18.26
N SER B 180 -4.99 10.43 17.26
CA SER B 180 -5.89 10.96 16.23
C SER B 180 -7.30 11.04 16.78
N PRO B 181 -7.99 12.16 16.56
CA PRO B 181 -9.36 12.35 17.05
C PRO B 181 -10.34 11.35 16.43
N ASN B 182 -9.98 10.76 15.30
CA ASN B 182 -10.85 9.79 14.64
C ASN B 182 -10.47 8.35 14.95
N SER B 183 -9.67 8.17 16.01
CA SER B 183 -9.26 6.83 16.43
C SER B 183 -9.86 6.52 17.77
N ILE B 184 -9.95 5.23 18.08
CA ILE B 184 -10.45 4.78 19.37
C ILE B 184 -9.51 3.67 19.81
N ALA B 185 -9.01 3.78 21.03
CA ALA B 185 -8.07 2.81 21.57
C ALA B 185 -8.68 2.16 22.81
N PRO B 186 -9.38 1.03 22.62
CA PRO B 186 -10.00 0.33 23.76
C PRO B 186 -9.00 -0.07 24.84
N ALA B 187 -9.46 -0.02 26.09
CA ALA B 187 -8.61 -0.41 27.22
C ALA B 187 -8.59 -1.93 27.29
N PRO B 188 -7.53 -2.50 27.91
CA PRO B 188 -7.44 -3.96 28.02
C PRO B 188 -8.68 -4.56 28.69
N GLY B 189 -8.98 -5.82 28.36
CA GLY B 189 -10.13 -6.48 28.95
C GLY B 189 -11.26 -6.72 27.97
N ARG B 190 -12.49 -6.77 28.48
CA ARG B 190 -13.66 -6.99 27.64
C ARG B 190 -13.81 -5.77 26.73
N VAL B 191 -13.86 -6.00 25.43
CA VAL B 191 -13.98 -4.90 24.47
C VAL B 191 -15.44 -4.69 24.06
N LEU B 192 -15.95 -3.48 24.29
CA LEU B 192 -17.33 -3.19 23.93
C LEU B 192 -17.49 -1.83 23.25
N GLY B 193 -18.47 -1.74 22.37
CA GLY B 193 -18.75 -0.48 21.69
C GLY B 193 -18.16 -0.27 20.31
N LEU B 194 -17.30 -1.16 19.86
CA LEU B 194 -16.69 -0.99 18.54
C LEU B 194 -17.70 -1.08 17.40
N ASN B 195 -18.84 -1.71 17.65
CA ASN B 195 -19.83 -1.84 16.61
C ASN B 195 -20.70 -0.60 16.40
N THR B 196 -20.53 0.40 17.27
CA THR B 196 -21.29 1.65 17.17
C THR B 196 -20.39 2.89 17.27
N THR B 197 -19.08 2.68 17.25
CA THR B 197 -18.14 3.79 17.35
C THR B 197 -18.17 4.67 16.11
N SER B 198 -17.85 5.95 16.29
CA SER B 198 -17.82 6.89 15.17
C SER B 198 -16.40 6.96 14.60
N ALA B 199 -15.49 6.24 15.24
CA ALA B 199 -14.09 6.24 14.81
C ALA B 199 -13.87 5.54 13.47
N SER B 200 -12.78 5.90 12.81
CA SER B 200 -12.44 5.29 11.51
C SER B 200 -11.31 4.29 11.73
N THR B 201 -10.62 4.43 12.86
CA THR B 201 -9.49 3.56 13.17
C THR B 201 -9.57 3.02 14.60
N VAL B 202 -9.44 1.71 14.72
CA VAL B 202 -9.47 1.05 16.02
C VAL B 202 -8.03 0.64 16.32
N VAL B 203 -7.51 1.08 17.46
CA VAL B 203 -6.13 0.79 17.84
C VAL B 203 -6.04 -0.07 19.09
N PHE B 204 -5.42 -1.24 18.96
CA PHE B 204 -5.23 -2.15 20.08
C PHE B 204 -3.77 -2.05 20.50
N ASN B 205 -3.49 -1.28 21.53
CA ASN B 205 -2.12 -1.14 22.00
C ASN B 205 -1.75 -2.36 22.82
N PRO B 206 -0.48 -2.48 23.22
CA PRO B 206 -0.06 -3.64 24.01
C PRO B 206 -1.02 -3.95 25.14
N GLY B 207 -1.36 -5.22 25.30
CA GLY B 207 -2.28 -5.63 26.34
C GLY B 207 -3.10 -6.82 25.88
N VAL B 208 -3.97 -7.31 26.76
CA VAL B 208 -4.82 -8.44 26.44
C VAL B 208 -6.27 -8.00 26.36
N TYR B 209 -6.91 -8.32 25.24
CA TYR B 209 -8.31 -7.95 25.04
C TYR B 209 -9.10 -9.19 24.70
N TYR B 210 -10.39 -9.17 25.02
CA TYR B 210 -11.20 -10.32 24.70
C TYR B 210 -12.65 -9.92 24.56
N PHE B 211 -13.35 -10.64 23.70
CA PHE B 211 -14.75 -10.39 23.55
C PHE B 211 -15.20 -11.50 24.49
N THR B 212 -15.57 -12.64 23.95
CA THR B 212 -15.96 -13.80 24.76
C THR B 212 -16.25 -14.82 23.68
N GLY B 213 -16.71 -15.99 24.07
CA GLY B 213 -17.05 -17.00 23.09
C GLY B 213 -18.45 -16.72 22.58
N HIS B 214 -19.08 -15.66 23.09
CA HIS B 214 -20.44 -15.31 22.67
C HIS B 214 -20.61 -13.88 22.15
N ASP B 215 -19.58 -13.39 21.48
CA ASP B 215 -19.60 -12.04 20.90
C ASP B 215 -18.34 -11.96 20.03
N HIS B 216 -18.31 -11.06 19.06
CA HIS B 216 -17.11 -10.92 18.25
C HIS B 216 -16.92 -9.47 17.85
N MET B 217 -15.79 -9.17 17.22
CA MET B 217 -15.49 -7.79 16.86
C MET B 217 -16.18 -7.25 15.61
N VAL B 218 -17.45 -6.89 15.76
CA VAL B 218 -18.20 -6.29 14.67
C VAL B 218 -17.78 -4.82 14.69
N LEU B 219 -17.21 -4.35 13.59
CA LEU B 219 -16.75 -2.96 13.50
C LEU B 219 -17.76 -2.09 12.77
N SER B 220 -18.10 -0.95 13.38
CA SER B 220 -19.08 -0.04 12.80
C SER B 220 -18.72 0.36 11.37
N SER B 221 -19.71 0.81 10.61
CA SER B 221 -19.49 1.20 9.22
C SER B 221 -18.42 2.27 9.02
N SER B 222 -18.11 3.03 10.06
CA SER B 222 -17.09 4.07 9.92
C SER B 222 -15.67 3.52 10.06
N VAL B 223 -15.52 2.36 10.67
CA VAL B 223 -14.21 1.77 10.85
C VAL B 223 -13.65 1.17 9.57
N THR B 224 -12.52 1.71 9.12
CA THR B 224 -11.87 1.23 7.90
C THR B 224 -10.48 0.70 8.20
N TRP B 225 -10.10 0.70 9.47
CA TRP B 225 -8.78 0.24 9.86
C TRP B 225 -8.75 -0.28 11.30
N VAL B 226 -8.35 -1.53 11.46
CA VAL B 226 -8.21 -2.12 12.79
C VAL B 226 -6.74 -2.51 12.91
N TYR B 227 -6.10 -2.05 13.98
CA TYR B 227 -4.68 -2.29 14.20
C TYR B 227 -4.39 -3.10 15.46
N PHE B 228 -3.58 -4.15 15.30
CA PHE B 228 -3.17 -4.99 16.42
C PHE B 228 -1.69 -4.73 16.65
N ALA B 229 -1.38 -3.91 17.65
CA ALA B 229 0.00 -3.58 17.94
C ALA B 229 0.82 -4.79 18.36
N PRO B 230 2.14 -4.73 18.15
CA PRO B 230 2.98 -5.86 18.56
C PRO B 230 2.82 -5.83 20.08
N GLY B 231 2.56 -6.97 20.70
CA GLY B 231 2.37 -6.95 22.15
C GLY B 231 0.90 -6.92 22.51
N ALA B 232 0.05 -6.82 21.49
CA ALA B 232 -1.39 -6.84 21.71
C ALA B 232 -1.88 -8.25 21.43
N TYR B 233 -2.75 -8.76 22.31
CA TYR B 233 -3.31 -10.09 22.14
C TYR B 233 -4.82 -9.96 22.25
N VAL B 234 -5.51 -10.17 21.13
CA VAL B 234 -6.96 -10.03 21.09
C VAL B 234 -7.70 -11.32 20.82
N LYS B 235 -8.53 -11.73 21.77
CA LYS B 235 -9.34 -12.92 21.61
C LYS B 235 -10.66 -12.49 20.98
N GLY B 236 -10.86 -12.88 19.73
CA GLY B 236 -12.08 -12.52 19.04
C GLY B 236 -11.99 -12.85 17.55
N ALA B 237 -12.90 -12.26 16.78
CA ALA B 237 -12.95 -12.46 15.34
C ALA B 237 -13.39 -11.14 14.74
N VAL B 238 -12.86 -10.78 13.58
CA VAL B 238 -13.17 -9.50 12.97
C VAL B 238 -14.20 -9.52 11.86
N GLU B 239 -15.15 -8.58 11.92
CA GLU B 239 -16.16 -8.44 10.89
C GLU B 239 -16.36 -6.96 10.58
N PHE B 240 -16.04 -6.56 9.36
CA PHE B 240 -16.20 -5.16 8.96
C PHE B 240 -17.61 -4.93 8.43
N LEU B 241 -18.20 -3.80 8.80
CA LEU B 241 -19.53 -3.43 8.30
C LEU B 241 -19.34 -2.38 7.21
N SER B 242 -18.16 -1.77 7.19
CA SER B 242 -17.84 -0.75 6.20
C SER B 242 -17.86 -1.28 4.76
N THR B 243 -18.38 -0.47 3.85
CA THR B 243 -18.43 -0.84 2.44
C THR B 243 -17.53 0.11 1.65
N ALA B 244 -16.64 0.79 2.37
CA ALA B 244 -15.72 1.75 1.77
C ALA B 244 -14.73 1.08 0.82
N SER B 245 -14.03 1.91 0.04
CA SER B 245 -13.07 1.40 -0.94
C SER B 245 -11.96 0.54 -0.34
N GLU B 246 -11.66 0.74 0.94
CA GLU B 246 -10.63 -0.05 1.59
C GLU B 246 -10.91 -0.29 3.06
N VAL B 247 -10.69 -1.53 3.50
CA VAL B 247 -10.82 -1.89 4.90
C VAL B 247 -9.48 -2.56 5.16
N LYS B 248 -8.89 -2.25 6.30
CA LYS B 248 -7.58 -2.77 6.63
C LYS B 248 -7.41 -3.32 8.03
N ALA B 249 -6.69 -4.44 8.12
CA ALA B 249 -6.36 -5.08 9.38
C ALA B 249 -4.84 -5.20 9.33
N SER B 250 -4.15 -4.58 10.28
CA SER B 250 -2.69 -4.64 10.26
C SER B 250 -2.10 -4.63 11.65
N GLY B 251 -0.77 -4.73 11.72
CA GLY B 251 -0.09 -4.76 13.00
C GLY B 251 0.35 -6.18 13.26
N HIS B 252 1.38 -6.36 14.08
CA HIS B 252 1.88 -7.69 14.36
C HIS B 252 1.36 -8.37 15.61
N GLY B 253 0.25 -7.86 16.13
CA GLY B 253 -0.36 -8.45 17.32
C GLY B 253 -1.08 -9.72 16.91
N VAL B 254 -1.79 -10.32 17.86
CA VAL B 254 -2.50 -11.57 17.62
C VAL B 254 -4.02 -11.47 17.74
N LEU B 255 -4.72 -12.13 16.81
CA LEU B 255 -6.18 -12.20 16.83
C LEU B 255 -6.43 -13.70 17.00
N SER B 256 -6.94 -14.10 18.16
CA SER B 256 -7.16 -15.51 18.46
C SER B 256 -8.62 -15.89 18.66
N GLY B 257 -9.04 -16.97 18.02
CA GLY B 257 -10.43 -17.42 18.16
C GLY B 257 -10.57 -18.54 19.19
N GLU B 258 -9.60 -18.64 20.10
CA GLU B 258 -9.59 -19.70 21.12
C GLU B 258 -10.83 -19.78 22.01
N GLN B 259 -11.58 -18.70 22.14
CA GLN B 259 -12.77 -18.70 23.00
C GLN B 259 -14.02 -19.27 22.34
N TYR B 260 -13.99 -19.41 21.01
CA TYR B 260 -15.13 -19.93 20.27
C TYR B 260 -15.09 -21.45 20.07
N VAL B 261 -16.24 -22.10 20.22
CA VAL B 261 -16.29 -23.54 19.99
C VAL B 261 -16.20 -23.72 18.48
N TRP B 262 -15.84 -24.92 18.04
CA TRP B 262 -15.74 -25.19 16.61
C TRP B 262 -17.05 -24.89 15.91
N TYR B 263 -16.96 -24.24 14.75
CA TYR B 263 -18.15 -23.93 13.97
C TYR B 263 -19.14 -23.00 14.70
N ALA B 264 -18.63 -22.18 15.61
CA ALA B 264 -19.47 -21.26 16.36
C ALA B 264 -20.30 -20.40 15.40
N ASP B 265 -21.61 -20.36 15.63
CA ASP B 265 -22.52 -19.59 14.77
C ASP B 265 -23.00 -18.31 15.47
N PRO B 266 -22.59 -17.14 14.96
CA PRO B 266 -22.97 -15.84 15.53
C PRO B 266 -24.48 -15.65 15.66
N ASP B 267 -25.24 -16.29 14.78
CA ASP B 267 -26.69 -16.16 14.80
C ASP B 267 -27.40 -17.21 15.66
N GLU B 268 -26.63 -18.11 16.24
CA GLU B 268 -27.19 -19.15 17.11
C GLU B 268 -26.53 -19.09 18.48
N GLY B 269 -26.32 -17.88 18.97
CA GLY B 269 -25.69 -17.71 20.27
C GLY B 269 -24.26 -18.17 20.33
N TYR B 270 -23.62 -18.27 19.18
CA TYR B 270 -22.22 -18.71 19.07
C TYR B 270 -22.04 -20.17 19.47
N GLN B 271 -23.12 -20.92 19.42
CA GLN B 271 -23.04 -22.35 19.72
C GLN B 271 -22.71 -23.00 18.38
N LYS B 272 -22.26 -24.25 18.43
CA LYS B 272 -21.93 -24.95 17.20
C LYS B 272 -23.14 -24.87 16.26
N ALA B 273 -22.88 -24.55 15.00
CA ALA B 273 -23.96 -24.44 14.01
C ALA B 273 -24.86 -25.67 14.08
N SER B 274 -26.13 -25.46 14.43
CA SER B 274 -27.12 -26.54 14.56
C SER B 274 -26.97 -27.63 13.50
N GLY B 275 -26.54 -27.21 12.32
CA GLY B 275 -26.33 -28.13 11.23
C GLY B 275 -25.16 -27.53 10.46
N ALA B 276 -24.57 -28.29 9.54
CA ALA B 276 -23.45 -27.79 8.75
C ALA B 276 -23.94 -26.68 7.82
N ASN B 277 -24.60 -25.67 8.40
CA ASN B 277 -25.15 -24.57 7.64
C ASN B 277 -24.12 -23.58 7.09
N ASN B 278 -22.84 -23.86 7.29
CA ASN B 278 -21.77 -23.01 6.79
C ASN B 278 -21.72 -21.62 7.41
N ASN B 279 -22.41 -21.42 8.52
CA ASN B 279 -22.40 -20.12 9.17
C ASN B 279 -21.41 -20.03 10.32
N GLY B 280 -20.36 -20.85 10.26
CA GLY B 280 -19.34 -20.81 11.31
C GLY B 280 -18.68 -19.44 11.28
N LEU B 281 -18.21 -18.98 12.43
CA LEU B 281 -17.58 -17.67 12.53
C LEU B 281 -16.22 -17.58 11.85
N ARG B 282 -16.10 -16.64 10.91
CA ARG B 282 -14.84 -16.40 10.20
C ARG B 282 -13.97 -15.48 11.03
N MET B 283 -12.65 -15.57 10.88
CA MET B 283 -11.77 -14.69 11.63
C MET B 283 -11.75 -13.33 10.93
N TRP B 284 -11.93 -13.35 9.61
CA TRP B 284 -11.97 -12.13 8.80
C TRP B 284 -13.25 -12.17 7.96
N ARG B 285 -14.11 -11.18 8.14
CA ARG B 285 -15.37 -11.12 7.42
C ARG B 285 -15.68 -9.68 7.03
N GLY B 286 -16.18 -9.50 5.82
CA GLY B 286 -16.53 -8.17 5.35
C GLY B 286 -17.80 -8.22 4.53
N THR B 287 -18.29 -7.06 4.14
CA THR B 287 -19.50 -6.95 3.35
C THR B 287 -19.27 -6.01 2.18
N LEU B 288 -19.89 -6.31 1.05
CA LEU B 288 -19.73 -5.49 -0.14
C LEU B 288 -21.06 -4.96 -0.65
N GLY B 289 -21.04 -3.70 -1.09
CA GLY B 289 -22.26 -3.09 -1.62
C GLY B 289 -22.24 -3.31 -3.12
N ASN B 290 -22.17 -2.23 -3.89
CA ASN B 290 -22.12 -2.36 -5.34
C ASN B 290 -20.89 -1.63 -5.88
N SER B 291 -19.97 -1.27 -4.97
CA SER B 291 -18.73 -0.60 -5.33
C SER B 291 -17.55 -1.48 -4.89
N SER B 292 -16.43 -1.34 -5.57
CA SER B 292 -15.25 -2.14 -5.28
C SER B 292 -14.64 -1.86 -3.91
N GLN B 293 -14.04 -2.89 -3.33
CA GLN B 293 -13.40 -2.76 -2.03
C GLN B 293 -12.13 -3.60 -1.96
N THR B 294 -11.11 -3.04 -1.31
CA THR B 294 -9.85 -3.74 -1.16
C THR B 294 -9.63 -4.07 0.31
N PHE B 295 -9.33 -5.33 0.59
CA PHE B 295 -9.05 -5.77 1.95
C PHE B 295 -7.54 -5.86 2.10
N VAL B 296 -6.99 -4.99 2.93
CA VAL B 296 -5.55 -4.99 3.19
C VAL B 296 -5.34 -5.72 4.51
N LEU B 297 -4.56 -6.79 4.47
CA LEU B 297 -4.26 -7.58 5.68
C LEU B 297 -2.74 -7.65 5.74
N ASN B 298 -2.17 -7.08 6.79
CA ASN B 298 -0.72 -7.02 6.89
C ASN B 298 -0.16 -7.22 8.31
N GLY B 299 0.76 -8.18 8.45
CA GLY B 299 1.42 -8.42 9.73
C GLY B 299 0.80 -9.27 10.81
N VAL B 300 -0.53 -9.29 10.86
CA VAL B 300 -1.27 -10.01 11.89
C VAL B 300 -1.04 -11.51 11.99
N THR B 301 -1.12 -12.03 13.21
CA THR B 301 -1.04 -13.46 13.44
C THR B 301 -2.43 -13.86 13.89
N VAL B 302 -3.03 -14.80 13.18
CA VAL B 302 -4.35 -15.32 13.53
C VAL B 302 -4.08 -16.68 14.13
N SER B 303 -4.66 -16.95 15.30
CA SER B 303 -4.48 -18.23 15.95
C SER B 303 -5.83 -18.83 16.29
N ALA B 304 -5.90 -20.16 16.26
CA ALA B 304 -7.10 -20.90 16.62
C ALA B 304 -8.43 -20.49 15.97
N PRO B 305 -8.50 -20.52 14.63
CA PRO B 305 -9.77 -20.16 13.98
C PRO B 305 -10.80 -21.26 14.25
N PRO B 306 -12.05 -20.89 14.54
CA PRO B 306 -13.08 -21.90 14.82
C PRO B 306 -13.71 -22.48 13.55
N PHE B 307 -13.42 -21.87 12.41
CA PHE B 307 -13.97 -22.33 11.15
C PHE B 307 -13.08 -21.80 10.01
N ASN B 308 -13.66 -21.61 8.82
CA ASN B 308 -12.89 -21.07 7.69
C ASN B 308 -12.30 -19.75 8.17
N SER B 309 -11.06 -19.45 7.80
CA SER B 309 -10.46 -18.21 8.27
C SER B 309 -11.08 -16.94 7.71
N MET B 310 -11.59 -17.00 6.49
CA MET B 310 -12.14 -15.80 5.88
C MET B 310 -13.10 -15.96 4.71
N ASP B 311 -14.07 -15.05 4.65
CA ASP B 311 -15.06 -14.99 3.57
C ASP B 311 -15.77 -13.65 3.66
N TRP B 312 -16.05 -13.06 2.50
CA TRP B 312 -16.76 -11.80 2.43
C TRP B 312 -18.20 -12.16 2.02
N SER B 313 -19.15 -11.30 2.37
CA SER B 313 -20.53 -11.52 2.02
C SER B 313 -20.88 -10.57 0.88
N GLY B 314 -21.72 -11.01 -0.05
CA GLY B 314 -22.09 -10.15 -1.16
C GLY B 314 -22.51 -10.91 -2.40
N ASN B 315 -23.18 -10.21 -3.31
CA ASN B 315 -23.66 -10.81 -4.55
C ASN B 315 -22.60 -10.77 -5.64
N SER B 316 -21.67 -9.83 -5.54
CA SER B 316 -20.61 -9.69 -6.53
C SER B 316 -19.23 -9.66 -5.88
N LEU B 317 -18.70 -10.83 -5.58
CA LEU B 317 -17.39 -10.93 -4.96
C LEU B 317 -16.26 -10.57 -5.93
N ASP B 318 -16.62 -10.35 -7.19
CA ASP B 318 -15.61 -9.99 -8.18
C ASP B 318 -15.12 -8.57 -7.95
N LEU B 319 -15.85 -7.81 -7.13
CA LEU B 319 -15.48 -6.44 -6.85
C LEU B 319 -14.56 -6.31 -5.64
N ILE B 320 -14.23 -7.43 -5.02
CA ILE B 320 -13.35 -7.42 -3.86
C ILE B 320 -11.98 -7.91 -4.29
N THR B 321 -10.95 -7.32 -3.71
CA THR B 321 -9.58 -7.73 -4.02
C THR B 321 -8.82 -7.68 -2.69
N CYS B 322 -7.81 -8.54 -2.56
CA CYS B 322 -7.04 -8.59 -1.33
C CYS B 322 -5.58 -8.25 -1.53
N ARG B 323 -5.01 -7.58 -0.54
CA ARG B 323 -3.59 -7.23 -0.55
C ARG B 323 -3.09 -7.75 0.80
N VAL B 324 -2.52 -8.96 0.78
CA VAL B 324 -2.04 -9.64 1.98
C VAL B 324 -0.52 -9.79 2.06
N ASP B 325 0.03 -9.44 3.22
CA ASP B 325 1.49 -9.50 3.42
C ASP B 325 1.87 -9.82 4.86
N ASP B 326 2.95 -10.58 5.04
CA ASP B 326 3.48 -10.82 6.38
C ASP B 326 2.38 -11.25 7.36
N TYR B 327 1.59 -12.22 6.93
CA TYR B 327 0.45 -12.72 7.71
C TYR B 327 0.61 -14.20 8.07
N LYS B 328 0.13 -14.58 9.25
CA LYS B 328 0.24 -15.96 9.68
C LYS B 328 -1.02 -16.54 10.32
N GLN B 329 -1.24 -17.84 10.10
CA GLN B 329 -2.36 -18.55 10.71
C GLN B 329 -1.73 -19.72 11.45
N VAL B 330 -1.92 -19.76 12.77
CA VAL B 330 -1.35 -20.81 13.58
C VAL B 330 -2.39 -21.46 14.49
N GLY B 331 -2.02 -22.59 15.09
CA GLY B 331 -2.91 -23.30 16.00
C GLY B 331 -4.28 -23.66 15.44
N ALA B 332 -4.34 -23.95 14.14
CA ALA B 332 -5.60 -24.29 13.50
C ALA B 332 -5.85 -25.79 13.51
N PHE B 333 -5.99 -26.36 14.72
CA PHE B 333 -6.20 -27.80 14.84
C PHE B 333 -7.59 -28.30 14.46
N TYR B 334 -8.56 -27.40 14.38
CA TYR B 334 -9.92 -27.81 14.00
C TYR B 334 -10.00 -28.07 12.51
N GLY B 335 -11.00 -28.83 12.12
CA GLY B 335 -11.20 -29.11 10.70
C GLY B 335 -11.84 -27.88 10.06
N GLN B 336 -11.85 -27.84 8.73
CA GLN B 336 -12.43 -26.75 7.96
C GLN B 336 -11.90 -25.37 8.32
N THR B 337 -10.59 -25.33 8.61
CA THR B 337 -9.90 -24.09 8.95
C THR B 337 -9.15 -23.58 7.71
N ASP B 338 -9.89 -23.36 6.64
CA ASP B 338 -9.33 -22.90 5.35
C ASP B 338 -8.48 -21.65 5.40
N GLY B 339 -7.61 -21.54 4.39
CA GLY B 339 -6.76 -20.37 4.27
C GLY B 339 -7.66 -19.25 3.77
N LEU B 340 -7.07 -18.09 3.49
CA LEU B 340 -7.84 -16.93 3.04
C LEU B 340 -8.41 -17.07 1.64
N GLU B 341 -9.43 -16.26 1.34
CA GLU B 341 -10.00 -16.26 0.00
C GLU B 341 -9.10 -15.25 -0.73
N MET B 342 -8.81 -15.51 -1.99
CA MET B 342 -7.99 -14.58 -2.77
C MET B 342 -8.89 -14.13 -3.92
N TYR B 343 -9.60 -13.05 -3.68
CA TYR B 343 -10.53 -12.50 -4.66
C TYR B 343 -9.78 -11.91 -5.87
N PRO B 344 -10.50 -11.63 -6.97
CA PRO B 344 -9.87 -11.09 -8.17
C PRO B 344 -8.83 -9.99 -7.97
N GLY B 345 -7.69 -10.16 -8.63
CA GLY B 345 -6.62 -9.18 -8.56
C GLY B 345 -5.76 -9.24 -7.30
N THR B 346 -6.01 -10.22 -6.44
CA THR B 346 -5.26 -10.35 -5.21
C THR B 346 -3.76 -10.54 -5.38
N ILE B 347 -3.01 -9.94 -4.48
CA ILE B 347 -1.56 -10.08 -4.42
C ILE B 347 -1.32 -10.47 -2.97
N LEU B 348 -0.92 -11.72 -2.75
CA LEU B 348 -0.67 -12.23 -1.41
C LEU B 348 0.75 -12.75 -1.35
N GLN B 349 1.49 -12.37 -0.32
CA GLN B 349 2.88 -12.82 -0.22
C GLN B 349 3.42 -12.84 1.21
N ASP B 350 4.42 -13.69 1.42
CA ASP B 350 5.09 -13.83 2.72
C ASP B 350 4.08 -14.19 3.81
N VAL B 351 3.50 -15.37 3.64
CA VAL B 351 2.48 -15.86 4.55
C VAL B 351 2.82 -17.25 5.10
N PHE B 352 2.36 -17.51 6.33
CA PHE B 352 2.54 -18.82 6.95
C PHE B 352 1.14 -19.35 7.24
N TYR B 353 0.88 -20.58 6.80
CA TYR B 353 -0.41 -21.21 7.00
C TYR B 353 -0.36 -22.57 7.67
N HIS B 354 -0.99 -22.70 8.84
CA HIS B 354 -1.14 -23.98 9.51
C HIS B 354 -2.62 -24.20 9.21
N THR B 355 -2.96 -25.25 8.48
CA THR B 355 -4.36 -25.47 8.11
C THR B 355 -4.78 -26.93 8.02
N ASP B 356 -6.02 -27.20 8.39
CA ASP B 356 -6.57 -28.56 8.32
C ASP B 356 -7.62 -28.69 7.23
N ASP B 357 -7.57 -27.82 6.22
CA ASP B 357 -8.51 -27.92 5.09
C ASP B 357 -7.94 -27.16 3.90
N ASP B 358 -8.78 -26.83 2.92
CA ASP B 358 -8.31 -26.13 1.72
C ASP B 358 -7.33 -25.00 2.05
N GLY B 359 -6.11 -25.13 1.53
CA GLY B 359 -5.07 -24.16 1.80
C GLY B 359 -5.09 -22.93 0.91
N LEU B 360 -4.59 -23.10 -0.32
CA LEU B 360 -4.58 -22.01 -1.30
C LEU B 360 -5.78 -22.24 -2.19
N LYS B 361 -6.81 -21.43 -1.99
CA LYS B 361 -8.05 -21.56 -2.74
C LYS B 361 -8.02 -20.75 -4.03
N MET B 362 -7.75 -21.44 -5.13
CA MET B 362 -7.65 -20.81 -6.44
C MET B 362 -9.03 -20.72 -7.07
N TYR B 363 -9.83 -19.78 -6.58
CA TYR B 363 -11.21 -19.62 -7.06
C TYR B 363 -11.43 -18.35 -7.88
N TYR B 364 -10.43 -17.47 -7.93
CA TYR B 364 -10.59 -16.22 -8.66
C TYR B 364 -9.44 -15.86 -9.59
N SER B 365 -9.77 -15.09 -10.62
CA SER B 365 -8.81 -14.68 -11.64
C SER B 365 -7.85 -13.57 -11.26
N ASN B 366 -6.78 -13.47 -12.03
CA ASN B 366 -5.76 -12.45 -11.85
C ASN B 366 -5.19 -12.39 -10.45
N VAL B 367 -4.87 -13.55 -9.90
CA VAL B 367 -4.32 -13.65 -8.56
C VAL B 367 -2.85 -14.05 -8.57
N THR B 368 -2.09 -13.43 -7.67
CA THR B 368 -0.67 -13.73 -7.52
C THR B 368 -0.40 -14.00 -6.04
N ALA B 369 0.16 -15.17 -5.75
CA ALA B 369 0.47 -15.56 -4.39
C ALA B 369 1.90 -16.11 -4.38
N ARG B 370 2.74 -15.57 -3.52
CA ARG B 370 4.13 -15.99 -3.46
C ARG B 370 4.73 -16.01 -2.07
N ASN B 371 5.81 -16.79 -1.93
CA ASN B 371 6.55 -16.89 -0.67
C ASN B 371 5.64 -17.31 0.47
N ILE B 372 5.16 -18.54 0.38
CA ILE B 372 4.26 -19.10 1.38
C ILE B 372 4.85 -20.35 2.03
N VAL B 373 4.69 -20.46 3.33
CA VAL B 373 5.15 -21.62 4.08
C VAL B 373 3.87 -22.24 4.62
N MET B 374 3.66 -23.52 4.34
CA MET B 374 2.44 -24.19 4.80
C MET B 374 2.67 -25.46 5.59
N TRP B 375 2.01 -25.54 6.74
CA TRP B 375 2.07 -26.74 7.56
C TRP B 375 0.70 -27.34 7.34
N LYS B 376 0.59 -28.20 6.33
CA LYS B 376 -0.67 -28.86 6.02
C LYS B 376 -0.89 -29.97 7.05
N GLU B 377 -2.13 -30.10 7.49
CA GLU B 377 -2.48 -31.09 8.47
C GLU B 377 -2.97 -32.37 7.82
N SER B 378 -4.21 -32.78 8.07
CA SER B 378 -4.69 -34.04 7.51
C SER B 378 -5.78 -34.04 6.44
N VAL B 379 -6.37 -32.88 6.15
CA VAL B 379 -7.46 -32.83 5.18
C VAL B 379 -7.31 -31.79 4.07
N ALA B 380 -7.80 -32.14 2.88
CA ALA B 380 -7.80 -31.27 1.70
C ALA B 380 -6.43 -31.04 1.06
N PRO B 381 -6.41 -30.70 -0.24
CA PRO B 381 -5.16 -30.46 -0.95
C PRO B 381 -4.49 -29.15 -0.51
N VAL B 382 -3.23 -28.97 -0.92
CA VAL B 382 -2.49 -27.76 -0.61
C VAL B 382 -3.14 -26.65 -1.42
N VAL B 383 -3.31 -26.90 -2.71
CA VAL B 383 -3.96 -25.96 -3.63
C VAL B 383 -5.30 -26.59 -4.01
N GLU B 384 -6.36 -25.80 -3.97
CA GLU B 384 -7.70 -26.30 -4.29
C GLU B 384 -8.43 -25.49 -5.37
N PHE B 385 -8.96 -26.17 -6.37
CA PHE B 385 -9.75 -25.49 -7.39
C PHE B 385 -10.91 -26.35 -7.90
N GLY B 386 -11.43 -27.18 -6.99
CA GLY B 386 -12.57 -28.03 -7.31
C GLY B 386 -13.83 -27.44 -6.67
N TRP B 387 -14.72 -28.30 -6.19
CA TRP B 387 -15.98 -27.89 -5.55
C TRP B 387 -17.05 -27.29 -6.48
N THR B 388 -16.64 -26.33 -7.31
CA THR B 388 -17.58 -25.68 -8.22
C THR B 388 -16.93 -25.28 -9.53
N PRO B 389 -17.58 -25.56 -10.66
CA PRO B 389 -16.97 -25.18 -11.93
C PRO B 389 -16.87 -23.66 -12.01
N ARG B 390 -15.75 -23.15 -12.52
CA ARG B 390 -15.55 -21.71 -12.60
C ARG B 390 -14.78 -21.29 -13.83
N ASN B 391 -14.90 -20.00 -14.15
CA ASN B 391 -14.15 -19.40 -15.23
C ASN B 391 -13.08 -18.67 -14.43
N THR B 392 -11.86 -19.20 -14.46
CA THR B 392 -10.75 -18.61 -13.72
C THR B 392 -9.55 -18.53 -14.65
N GLU B 393 -8.89 -17.37 -14.67
CA GLU B 393 -7.74 -17.19 -15.54
C GLU B 393 -6.66 -16.29 -14.95
N ASN B 394 -5.44 -16.51 -15.42
CA ASN B 394 -4.28 -15.70 -15.04
C ASN B 394 -3.92 -15.77 -13.56
N VAL B 395 -3.44 -16.93 -13.12
CA VAL B 395 -3.05 -17.13 -11.73
C VAL B 395 -1.60 -17.60 -11.63
N LEU B 396 -0.88 -17.06 -10.67
CA LEU B 396 0.49 -17.44 -10.42
C LEU B 396 0.68 -17.69 -8.92
N PHE B 397 1.08 -18.91 -8.58
CA PHE B 397 1.39 -19.28 -7.19
C PHE B 397 2.87 -19.62 -7.30
N ASP B 398 3.73 -18.85 -6.62
CA ASP B 398 5.16 -19.12 -6.70
C ASP B 398 5.85 -19.20 -5.35
N ASN B 399 6.85 -20.07 -5.27
CA ASN B 399 7.65 -20.27 -4.06
C ASN B 399 6.78 -20.63 -2.86
N VAL B 400 6.26 -21.84 -2.89
CA VAL B 400 5.41 -22.35 -1.83
C VAL B 400 6.08 -23.57 -1.20
N ASP B 401 6.44 -23.47 0.06
CA ASP B 401 7.08 -24.59 0.74
C ASP B 401 6.13 -25.23 1.74
N VAL B 402 5.68 -26.44 1.41
CA VAL B 402 4.81 -27.17 2.30
C VAL B 402 5.79 -27.94 3.17
N ILE B 403 6.05 -27.43 4.37
CA ILE B 403 7.03 -28.07 5.25
C ILE B 403 6.56 -29.36 5.90
N HIS B 404 5.25 -29.57 5.96
CA HIS B 404 4.67 -30.78 6.55
C HIS B 404 3.31 -31.15 6.00
N GLN B 405 3.04 -32.46 5.99
CA GLN B 405 1.77 -33.04 5.57
C GLN B 405 1.56 -34.24 6.48
N ALA B 406 0.30 -34.55 6.80
CA ALA B 406 -0.01 -35.68 7.67
C ALA B 406 -1.33 -36.34 7.26
N TYR B 407 -1.44 -36.66 5.98
CA TYR B 407 -2.65 -37.28 5.46
C TYR B 407 -2.76 -38.72 5.96
N ALA B 408 -3.96 -39.27 5.90
CA ALA B 408 -4.20 -40.63 6.37
C ALA B 408 -4.77 -41.55 5.29
N ASN B 409 -5.61 -41.01 4.41
CA ASN B 409 -6.23 -41.81 3.38
C ASN B 409 -6.80 -41.00 2.22
N ALA B 410 -7.28 -41.69 1.19
CA ALA B 410 -7.84 -41.04 0.02
C ALA B 410 -9.04 -40.16 0.37
N GLY B 411 -9.77 -40.54 1.41
CA GLY B 411 -10.92 -39.77 1.84
C GLY B 411 -10.57 -38.36 2.27
N ASN B 412 -9.29 -38.13 2.58
CA ASN B 412 -8.81 -36.82 3.01
C ASN B 412 -8.72 -35.85 1.82
N ASN B 413 -8.85 -36.37 0.61
CA ASN B 413 -8.70 -35.55 -0.60
C ASN B 413 -7.31 -34.92 -0.58
N PRO B 414 -6.26 -35.75 -0.46
CA PRO B 414 -4.86 -35.29 -0.42
C PRO B 414 -4.32 -34.85 -1.77
N GLY B 415 -3.11 -34.32 -1.76
CA GLY B 415 -2.48 -33.89 -2.99
C GLY B 415 -1.99 -32.46 -2.90
N ILE B 416 -0.93 -32.15 -3.64
CA ILE B 416 -0.39 -30.80 -3.65
C ILE B 416 -1.32 -29.93 -4.49
N PHE B 417 -1.59 -30.39 -5.70
CA PHE B 417 -2.47 -29.66 -6.61
C PHE B 417 -3.76 -30.46 -6.77
N GLY B 418 -4.83 -30.00 -6.13
CA GLY B 418 -6.08 -30.74 -6.22
C GLY B 418 -7.34 -29.98 -6.58
N ALA B 419 -8.31 -30.72 -7.10
CA ALA B 419 -9.59 -30.16 -7.47
C ALA B 419 -10.59 -31.27 -7.16
N VAL B 420 -11.27 -31.14 -6.03
CA VAL B 420 -12.24 -32.17 -5.62
C VAL B 420 -13.54 -32.10 -6.42
N ASN B 421 -14.43 -33.04 -6.15
CA ASN B 421 -15.71 -33.13 -6.84
C ASN B 421 -16.59 -31.89 -6.65
N ASN B 422 -17.78 -31.94 -7.25
CA ASN B 422 -18.76 -30.86 -7.20
C ASN B 422 -19.51 -30.92 -5.87
N TYR B 423 -19.39 -29.87 -5.06
CA TYR B 423 -20.02 -29.83 -3.75
C TYR B 423 -21.53 -30.05 -3.75
N LEU B 424 -22.20 -29.60 -4.79
CA LEU B 424 -23.66 -29.75 -4.88
C LEU B 424 -24.10 -31.21 -4.86
N TYR B 425 -23.26 -32.10 -5.39
CA TYR B 425 -23.61 -33.51 -5.46
C TYR B 425 -22.71 -34.42 -4.64
N ALA B 426 -21.55 -33.91 -4.24
CA ALA B 426 -20.60 -34.67 -3.44
C ALA B 426 -19.95 -33.74 -2.43
N PRO B 427 -20.70 -33.38 -1.37
CA PRO B 427 -20.22 -32.48 -0.32
C PRO B 427 -18.92 -32.88 0.36
N ASP B 428 -18.55 -34.16 0.30
CA ASP B 428 -17.30 -34.60 0.93
C ASP B 428 -16.15 -34.55 -0.07
N GLY B 429 -16.46 -34.09 -1.28
CA GLY B 429 -15.44 -33.95 -2.32
C GLY B 429 -15.01 -35.18 -3.11
N LEU B 430 -15.41 -36.37 -2.68
CA LEU B 430 -15.00 -37.58 -3.39
C LEU B 430 -16.17 -38.44 -3.88
N SER B 431 -16.18 -38.70 -5.18
CA SER B 431 -17.23 -39.51 -5.80
C SER B 431 -16.80 -40.00 -7.18
N SER B 432 -17.30 -41.18 -7.56
CA SER B 432 -16.95 -41.75 -8.85
C SER B 432 -17.77 -41.10 -9.97
N ASN B 433 -18.80 -40.33 -9.59
CA ASN B 433 -19.64 -39.63 -10.56
C ASN B 433 -18.87 -38.42 -11.07
N HIS B 434 -18.44 -38.49 -12.32
CA HIS B 434 -17.68 -37.41 -12.94
C HIS B 434 -18.48 -36.80 -14.09
N SER B 435 -19.79 -36.72 -13.91
CA SER B 435 -20.67 -36.17 -14.96
C SER B 435 -21.52 -35.00 -14.47
N THR B 436 -20.95 -34.15 -13.63
CA THR B 436 -21.66 -32.99 -13.11
C THR B 436 -20.85 -31.73 -13.40
N GLY B 437 -20.05 -31.77 -14.45
CA GLY B 437 -19.22 -30.63 -14.81
C GLY B 437 -19.89 -29.62 -15.72
N ASN B 438 -19.14 -28.59 -16.11
CA ASN B 438 -19.66 -27.56 -16.99
C ASN B 438 -18.67 -27.35 -18.13
N SER B 439 -19.04 -27.81 -19.32
CA SER B 439 -18.19 -27.70 -20.50
C SER B 439 -18.16 -26.29 -21.08
N ASN B 440 -18.91 -25.38 -20.46
CA ASN B 440 -18.95 -24.00 -20.93
C ASN B 440 -18.03 -23.08 -20.14
N MET B 441 -17.34 -23.63 -19.15
CA MET B 441 -16.42 -22.85 -18.33
C MET B 441 -15.01 -23.39 -18.46
N THR B 442 -14.02 -22.52 -18.28
CA THR B 442 -12.63 -22.93 -18.39
C THR B 442 -11.70 -22.24 -17.39
N VAL B 443 -10.75 -23.00 -16.90
CA VAL B 443 -9.71 -22.49 -15.99
C VAL B 443 -8.50 -22.47 -16.91
N ARG B 444 -7.95 -21.28 -17.14
CA ARG B 444 -6.83 -21.13 -18.06
C ARG B 444 -5.70 -20.23 -17.57
N ASN B 445 -4.51 -20.45 -18.14
CA ASN B 445 -3.32 -19.68 -17.83
C ASN B 445 -3.03 -19.66 -16.35
N ILE B 446 -2.72 -20.84 -15.83
CA ILE B 446 -2.40 -21.06 -14.43
C ILE B 446 -0.94 -21.50 -14.34
N THR B 447 -0.20 -20.93 -13.41
CA THR B 447 1.20 -21.32 -13.23
C THR B 447 1.47 -21.57 -11.76
N TRP B 448 1.95 -22.77 -11.45
CA TRP B 448 2.30 -23.14 -10.09
C TRP B 448 3.80 -23.44 -10.17
N SER B 449 4.61 -22.53 -9.64
CA SER B 449 6.05 -22.69 -9.71
C SER B 449 6.79 -22.69 -8.38
N ASN B 450 7.92 -23.38 -8.39
CA ASN B 450 8.78 -23.48 -7.23
C ASN B 450 8.07 -23.90 -5.94
N PHE B 451 7.42 -25.05 -6.01
CA PHE B 451 6.73 -25.62 -4.87
C PHE B 451 7.68 -26.64 -4.27
N ARG B 452 7.71 -26.74 -2.96
CA ARG B 452 8.57 -27.69 -2.28
C ARG B 452 7.78 -28.41 -1.21
N ALA B 453 7.85 -29.74 -1.21
CA ALA B 453 7.16 -30.54 -0.21
C ALA B 453 8.23 -31.25 0.60
N GLU B 454 8.41 -30.81 1.83
CA GLU B 454 9.41 -31.41 2.71
C GLU B 454 8.84 -32.61 3.45
N GLY B 455 9.70 -33.55 3.81
CA GLY B 455 9.24 -34.74 4.50
C GLY B 455 8.44 -35.59 3.53
N SER B 456 7.62 -36.50 4.05
CA SER B 456 6.81 -37.35 3.19
C SER B 456 5.63 -36.55 2.66
N SER B 457 5.31 -36.74 1.40
CA SER B 457 4.22 -35.99 0.77
C SER B 457 3.14 -36.82 0.11
N SER B 458 2.00 -36.18 -0.15
CA SER B 458 0.88 -36.81 -0.83
C SER B 458 1.17 -36.66 -2.32
N ALA B 459 0.23 -37.10 -3.16
CA ALA B 459 0.36 -37.04 -4.60
C ALA B 459 0.62 -35.64 -5.16
N LEU B 460 1.31 -35.58 -6.30
CA LEU B 460 1.59 -34.29 -6.93
C LEU B 460 0.25 -33.64 -7.25
N PHE B 461 -0.67 -34.42 -7.81
CA PHE B 461 -1.99 -33.89 -8.15
C PHE B 461 -3.12 -34.90 -8.19
N ARG B 462 -4.30 -34.43 -7.83
CA ARG B 462 -5.53 -35.21 -7.87
C ARG B 462 -6.54 -34.19 -8.33
N ILE B 463 -6.63 -34.06 -9.65
CA ILE B 463 -7.49 -33.07 -10.29
C ILE B 463 -8.70 -33.60 -11.04
N ASN B 464 -9.88 -33.10 -10.65
CA ASN B 464 -11.13 -33.44 -11.31
C ASN B 464 -11.44 -32.26 -12.21
N PRO B 465 -11.37 -32.44 -13.54
CA PRO B 465 -11.67 -31.30 -14.41
C PRO B 465 -13.19 -31.04 -14.42
N ILE B 466 -13.68 -30.34 -13.42
CA ILE B 466 -15.11 -30.05 -13.34
C ILE B 466 -15.52 -29.00 -14.37
N GLN B 467 -14.52 -28.42 -15.01
CA GLN B 467 -14.69 -27.46 -16.10
C GLN B 467 -13.43 -27.63 -16.94
N ASN B 468 -13.43 -27.11 -18.15
CA ASN B 468 -12.26 -27.25 -19.03
C ASN B 468 -10.99 -26.66 -18.42
N LEU B 469 -9.87 -27.30 -18.72
CA LEU B 469 -8.56 -26.85 -18.24
C LEU B 469 -7.67 -26.53 -19.44
N ASP B 470 -7.06 -25.35 -19.42
CA ASP B 470 -6.18 -24.95 -20.52
C ASP B 470 -4.98 -24.14 -20.08
N ASN B 471 -3.80 -24.55 -20.54
CA ASN B 471 -2.56 -23.86 -20.23
C ASN B 471 -2.26 -23.80 -18.72
N ILE B 472 -2.07 -24.96 -18.12
CA ILE B 472 -1.75 -25.05 -16.71
C ILE B 472 -0.32 -25.57 -16.65
N SER B 473 0.57 -24.79 -16.04
CA SER B 473 1.97 -25.18 -15.98
C SER B 473 2.53 -25.36 -14.58
N ILE B 474 3.18 -26.50 -14.36
CA ILE B 474 3.84 -26.80 -13.10
C ILE B 474 5.33 -26.68 -13.44
N LYS B 475 6.01 -25.72 -12.81
CA LYS B 475 7.43 -25.52 -13.05
C LYS B 475 8.20 -25.52 -11.75
N ASN B 476 9.02 -26.55 -11.56
CA ASN B 476 9.84 -26.74 -10.37
C ASN B 476 9.02 -27.13 -9.16
N VAL B 477 8.94 -28.42 -8.91
CA VAL B 477 8.22 -28.95 -7.77
C VAL B 477 9.04 -30.10 -7.23
N SER B 478 9.47 -29.99 -5.97
CA SER B 478 10.28 -31.03 -5.38
C SER B 478 9.58 -31.71 -4.22
N ILE B 479 9.52 -33.03 -4.29
CA ILE B 479 8.91 -33.83 -3.23
C ILE B 479 10.07 -34.62 -2.63
N GLU B 480 10.32 -34.41 -1.34
CA GLU B 480 11.41 -35.12 -0.67
C GLU B 480 11.17 -36.62 -0.71
N SER B 481 10.00 -37.04 -0.23
CA SER B 481 9.64 -38.45 -0.26
C SER B 481 8.13 -38.59 -0.27
N PHE B 482 7.66 -39.77 -0.63
CA PHE B 482 6.23 -40.02 -0.69
C PHE B 482 5.74 -40.71 0.58
N GLU B 483 4.48 -40.50 0.91
CA GLU B 483 3.86 -41.14 2.05
C GLU B 483 3.70 -42.61 1.66
N PRO B 484 3.35 -43.49 2.62
CA PRO B 484 3.19 -44.90 2.29
C PRO B 484 2.19 -45.17 1.16
N LEU B 485 2.56 -46.03 0.24
CA LEU B 485 1.68 -46.36 -0.88
C LEU B 485 0.41 -47.04 -0.39
N SER B 486 0.49 -47.68 0.77
CA SER B 486 -0.64 -48.40 1.34
C SER B 486 -1.81 -47.53 1.79
N ILE B 487 -1.56 -46.23 2.03
CA ILE B 487 -2.63 -45.36 2.48
C ILE B 487 -3.37 -44.64 1.36
N ASN B 488 -2.96 -44.93 0.12
CA ASN B 488 -3.60 -44.37 -1.07
C ASN B 488 -3.71 -42.84 -1.09
N THR B 489 -2.58 -42.16 -0.92
CA THR B 489 -2.56 -40.69 -0.92
C THR B 489 -1.49 -40.14 -1.85
N THR B 490 -0.67 -41.01 -2.42
CA THR B 490 0.44 -40.56 -3.26
C THR B 490 0.30 -40.68 -4.77
N GLU B 491 -0.68 -41.45 -5.25
CA GLU B 491 -0.88 -41.61 -6.68
C GLU B 491 -1.65 -40.43 -7.26
N SER B 492 -1.04 -39.76 -8.24
CA SER B 492 -1.69 -38.63 -8.89
C SER B 492 -2.68 -39.13 -9.94
N TRP B 493 -3.80 -38.43 -10.09
CA TRP B 493 -4.79 -38.80 -11.08
C TRP B 493 -5.59 -37.64 -11.63
N MET B 494 -6.24 -37.89 -12.76
CA MET B 494 -7.06 -36.90 -13.45
C MET B 494 -8.05 -37.66 -14.34
N PRO B 495 -9.20 -38.05 -13.77
CA PRO B 495 -10.25 -38.79 -14.49
C PRO B 495 -10.98 -37.91 -15.49
N VAL B 496 -11.54 -38.53 -16.53
CA VAL B 496 -12.27 -37.79 -17.54
C VAL B 496 -13.63 -37.34 -16.98
N TRP B 497 -14.01 -36.10 -17.27
CA TRP B 497 -15.28 -35.55 -16.81
C TRP B 497 -16.23 -35.18 -17.95
N TYR B 498 -17.51 -35.06 -17.63
CA TYR B 498 -18.54 -34.71 -18.61
C TYR B 498 -19.47 -33.62 -18.11
N ASP B 499 -20.10 -32.92 -19.05
CA ASP B 499 -21.03 -31.84 -18.75
C ASP B 499 -22.30 -32.38 -18.11
N LEU B 500 -22.75 -31.69 -17.06
CA LEU B 500 -23.95 -32.07 -16.32
C LEU B 500 -25.22 -32.15 -17.14
N ASN B 501 -25.36 -31.25 -18.12
CA ASN B 501 -26.56 -31.21 -18.92
C ASN B 501 -26.54 -31.84 -20.31
N ASN B 502 -25.46 -31.68 -21.06
CA ASN B 502 -25.40 -32.25 -22.40
C ASN B 502 -24.44 -33.41 -22.62
N GLY B 503 -23.74 -33.82 -21.56
CA GLY B 503 -22.80 -34.93 -21.68
C GLY B 503 -21.54 -34.69 -22.47
N LYS B 504 -21.27 -33.44 -22.83
CA LYS B 504 -20.05 -33.12 -23.57
C LYS B 504 -18.84 -33.38 -22.67
N GLN B 505 -17.81 -34.01 -23.23
CA GLN B 505 -16.61 -34.32 -22.45
C GLN B 505 -15.78 -33.09 -22.12
N ILE B 506 -15.42 -32.95 -20.85
CA ILE B 506 -14.61 -31.82 -20.40
C ILE B 506 -13.22 -31.99 -20.98
N THR B 507 -12.63 -30.92 -21.50
CA THR B 507 -11.31 -31.00 -22.10
C THR B 507 -10.17 -30.49 -21.23
N VAL B 508 -8.97 -31.01 -21.52
CA VAL B 508 -7.76 -30.61 -20.82
C VAL B 508 -6.72 -30.36 -21.91
N THR B 509 -6.20 -29.14 -21.95
CA THR B 509 -5.22 -28.78 -22.96
C THR B 509 -3.99 -28.12 -22.35
N ASP B 510 -2.83 -28.51 -22.85
CA ASP B 510 -1.55 -27.98 -22.39
C ASP B 510 -1.35 -27.92 -20.88
N PHE B 511 -1.34 -29.11 -20.27
CA PHE B 511 -1.11 -29.26 -18.84
C PHE B 511 0.35 -29.73 -18.83
N SER B 512 1.27 -28.84 -18.50
CA SER B 512 2.69 -29.21 -18.52
C SER B 512 3.37 -29.37 -17.16
N ILE B 513 4.35 -30.26 -17.12
CA ILE B 513 5.11 -30.54 -15.91
C ILE B 513 6.60 -30.40 -16.21
N GLU B 514 7.26 -29.51 -15.48
CA GLU B 514 8.68 -29.26 -15.67
C GLU B 514 9.38 -29.09 -14.32
N GLY B 515 10.60 -29.60 -14.21
CA GLY B 515 11.34 -29.47 -12.97
C GLY B 515 10.74 -30.21 -11.79
N PHE B 516 10.07 -31.32 -12.07
CA PHE B 516 9.48 -32.12 -11.00
C PHE B 516 10.48 -33.19 -10.57
N THR B 517 10.78 -33.22 -9.27
CA THR B 517 11.72 -34.20 -8.73
C THR B 517 11.15 -34.89 -7.50
N VAL B 518 11.49 -36.16 -7.35
CA VAL B 518 11.06 -36.96 -6.20
C VAL B 518 12.36 -37.44 -5.58
N GLY B 519 12.64 -36.98 -4.37
CA GLY B 519 13.88 -37.37 -3.73
C GLY B 519 15.00 -36.80 -4.56
N ASN B 520 15.90 -37.67 -5.04
CA ASN B 520 17.03 -37.22 -5.84
C ASN B 520 16.91 -37.67 -7.30
N THR B 521 15.73 -37.49 -7.90
CA THR B 521 15.54 -37.90 -9.29
C THR B 521 14.54 -37.02 -10.05
N THR B 522 14.96 -36.54 -11.22
CA THR B 522 14.10 -35.72 -12.05
C THR B 522 13.05 -36.62 -12.68
N ILE B 523 11.80 -36.16 -12.69
CA ILE B 523 10.71 -36.94 -13.27
C ILE B 523 10.47 -36.54 -14.72
N THR B 524 10.37 -37.54 -15.59
CA THR B 524 10.12 -37.30 -17.00
C THR B 524 9.01 -38.24 -17.44
N ALA B 525 8.70 -38.21 -18.74
CA ALA B 525 7.64 -39.08 -19.26
C ALA B 525 8.02 -40.54 -19.05
N SER B 526 9.32 -40.81 -19.00
CA SER B 526 9.80 -42.17 -18.82
C SER B 526 9.53 -42.75 -17.44
N ASN B 527 9.72 -41.95 -16.39
CA ASN B 527 9.48 -42.44 -15.03
C ASN B 527 8.33 -41.75 -14.30
N ALA B 528 7.45 -41.09 -15.06
CA ALA B 528 6.31 -40.39 -14.49
C ALA B 528 5.51 -41.31 -13.56
N ALA B 529 5.29 -42.55 -13.99
CA ALA B 529 4.54 -43.50 -13.19
C ALA B 529 5.44 -44.29 -12.25
N SER B 530 6.56 -44.79 -12.78
CA SER B 530 7.50 -45.59 -12.00
C SER B 530 8.07 -44.90 -10.75
N VAL B 531 8.36 -43.61 -10.86
CA VAL B 531 8.92 -42.88 -9.72
C VAL B 531 8.04 -41.73 -9.26
N GLY B 532 7.41 -41.04 -10.20
CA GLY B 532 6.55 -39.91 -9.84
C GLY B 532 5.16 -40.30 -9.38
N ARG B 533 4.84 -41.59 -9.47
CA ARG B 533 3.54 -42.12 -9.07
C ARG B 533 2.35 -41.46 -9.75
N ILE B 534 2.59 -40.95 -10.96
CA ILE B 534 1.53 -40.33 -11.75
C ILE B 534 1.02 -41.43 -12.67
N ASP B 535 0.06 -42.20 -12.18
CA ASP B 535 -0.50 -43.31 -12.95
C ASP B 535 -2.02 -43.24 -13.08
N GLY B 536 -2.59 -42.08 -12.75
CA GLY B 536 -4.04 -41.94 -12.81
C GLY B 536 -4.58 -40.98 -13.87
N VAL B 537 -3.74 -40.50 -14.78
CA VAL B 537 -4.21 -39.60 -15.82
C VAL B 537 -5.07 -40.41 -16.78
N ASP B 538 -6.32 -40.00 -16.96
CA ASP B 538 -7.24 -40.71 -17.85
C ASP B 538 -6.66 -40.86 -19.24
N PRO B 539 -6.90 -42.00 -19.89
CA PRO B 539 -6.38 -42.21 -21.25
C PRO B 539 -6.84 -41.13 -22.21
N ALA B 540 -8.00 -40.54 -21.92
CA ALA B 540 -8.54 -39.48 -22.75
C ALA B 540 -7.77 -38.17 -22.57
N TYR B 541 -6.97 -38.10 -21.51
CA TYR B 541 -6.18 -36.90 -21.22
C TYR B 541 -4.68 -37.14 -21.32
N ALA B 542 -4.28 -38.40 -21.44
CA ALA B 542 -2.87 -38.76 -21.54
C ALA B 542 -2.09 -37.87 -22.52
N GLY B 543 -2.71 -37.52 -23.63
CA GLY B 543 -2.05 -36.69 -24.61
C GLY B 543 -2.07 -35.21 -24.30
N SER B 544 -2.77 -34.84 -23.23
CA SER B 544 -2.88 -33.45 -22.82
C SER B 544 -1.85 -33.07 -21.77
N VAL B 545 -1.23 -34.07 -21.16
CA VAL B 545 -0.21 -33.84 -20.15
C VAL B 545 1.16 -33.92 -20.81
N HIS B 546 1.90 -32.82 -20.77
CA HIS B 546 3.21 -32.78 -21.40
C HIS B 546 4.35 -32.65 -20.40
N TYR B 547 5.31 -33.57 -20.48
CA TYR B 547 6.46 -33.50 -19.60
C TYR B 547 7.55 -32.74 -20.32
N ILE B 548 7.83 -31.54 -19.84
CA ILE B 548 8.83 -30.66 -20.43
C ILE B 548 10.24 -31.03 -19.96
N ASP B 549 11.04 -31.58 -20.87
CA ASP B 549 12.40 -31.96 -20.55
C ASP B 549 13.34 -31.58 -21.69
#